data_1X7D
#
_entry.id   1X7D
#
_cell.length_a   69.880
_cell.length_b   78.620
_cell.length_c   119.940
_cell.angle_alpha   90.00
_cell.angle_beta   90.00
_cell.angle_gamma   90.00
#
_symmetry.space_group_name_H-M   'P 21 21 21'
#
loop_
_entity.id
_entity.type
_entity.pdbx_description
1 polymer 'ornithine cyclodeaminase'
2 non-polymer 'SODIUM ION'
3 non-polymer NICOTINAMIDE-ADENINE-DINUCLEOTIDE
4 non-polymer L-ornithine
5 non-polymer (4S)-2-METHYL-2,4-PENTANEDIOL
6 non-polymer '2-(N-MORPHOLINO)-ETHANESULFONIC ACID'
7 water water
#
_entity_poly.entity_id   1
_entity_poly.type   'polypeptide(L)'
_entity_poly.pdbx_seq_one_letter_code
;MTYFIDVPT(MSE)SDLVHDIGVAPFIGELAAALRDDFKRWQAFDKSARVASHSEVGVIEL(MSE)PVADKSRYAFKYVN
GHPANTARNLHTV(MSE)AFGVLADVDSGYPVLLSELTIATALRTAATSL(MSE)AAQALARPNARK(MSE)ALIGNGAQ
SEFQALAFHKHLGIEEIVAYDTDPLATAKLIANLKEYSGLTIRRASSVAEAVKGVDIITTVTADKAYATIITPD(MSE)L
EPG(MSE)HLNAVGGDCPGKTELHADVLRNARVFVEYEPQTRIEGEIQQLPADFPVVDLWRVLRGETEGRQSDSQVTVFD
SVGFALEDYTVLRYVLQQAEKRG(MSE)GTKIDLVPWVEDDPKDLFSHTRGRAGKRRIRRVA
;
_entity_poly.pdbx_strand_id   A,B
#
loop_
_chem_comp.id
_chem_comp.type
_chem_comp.name
_chem_comp.formula
MES non-polymer '2-(N-MORPHOLINO)-ETHANESULFONIC ACID' 'C6 H13 N O4 S'
MPD non-polymer (4S)-2-METHYL-2,4-PENTANEDIOL 'C6 H14 O2'
NA non-polymer 'SODIUM ION' 'Na 1'
NAD non-polymer NICOTINAMIDE-ADENINE-DINUCLEOTIDE 'C21 H27 N7 O14 P2'
#
# COMPACT_ATOMS: atom_id res chain seq x y z
N THR A 2 17.80 1.98 3.40
CA THR A 2 16.73 2.58 2.54
C THR A 2 17.12 3.99 2.13
N TYR A 3 17.01 4.28 0.84
CA TYR A 3 17.31 5.62 0.37
C TYR A 3 16.02 6.32 0.01
N PHE A 4 16.02 7.64 0.21
CA PHE A 4 14.85 8.46 -0.03
C PHE A 4 15.11 9.57 -1.03
N ILE A 5 14.23 9.68 -2.02
CA ILE A 5 14.31 10.72 -3.03
C ILE A 5 13.07 11.59 -2.81
N ASP A 6 13.26 12.79 -2.29
CA ASP A 6 12.14 13.68 -2.04
C ASP A 6 11.79 14.52 -3.27
N VAL A 7 10.82 15.41 -3.12
CA VAL A 7 10.38 16.24 -4.24
C VAL A 7 11.47 17.12 -4.85
N PRO A 8 12.20 17.89 -4.04
CA PRO A 8 13.25 18.72 -4.64
C PRO A 8 14.38 17.91 -5.29
N THR A 9 14.68 16.75 -4.73
CA THR A 9 15.73 15.90 -5.30
C THR A 9 15.25 15.33 -6.63
N MSE A 10 13.99 14.91 -6.70
CA MSE A 10 13.44 14.39 -7.94
C MSE A 10 13.43 15.51 -8.97
O MSE A 10 13.69 15.29 -10.16
CB MSE A 10 12.00 13.88 -7.72
CG MSE A 10 11.31 13.43 -9.00
SE MSE A 10 12.04 11.80 -9.78
CE MSE A 10 11.22 10.54 -8.56
N SER A 11 13.16 16.73 -8.52
CA SER A 11 13.13 17.88 -9.42
C SER A 11 14.50 18.07 -10.06
N ASP A 12 15.56 17.99 -9.24
CA ASP A 12 16.91 18.14 -9.77
C ASP A 12 17.25 16.99 -10.72
N LEU A 13 16.82 15.78 -10.36
CA LEU A 13 17.08 14.61 -11.19
C LEU A 13 16.41 14.72 -12.56
N VAL A 14 15.13 15.08 -12.56
CA VAL A 14 14.39 15.22 -13.81
C VAL A 14 14.99 16.35 -14.65
N HIS A 15 15.41 17.42 -13.99
CA HIS A 15 16.00 18.54 -14.70
C HIS A 15 17.29 18.12 -15.40
N ASP A 16 18.09 17.28 -14.73
CA ASP A 16 19.35 16.84 -15.31
C ASP A 16 19.17 15.87 -16.47
N ILE A 17 18.14 15.03 -16.38
CA ILE A 17 17.86 14.06 -17.43
C ILE A 17 17.13 14.74 -18.59
N GLY A 18 16.23 15.66 -18.26
CA GLY A 18 15.46 16.34 -19.27
C GLY A 18 14.11 15.64 -19.34
N VAL A 19 13.02 16.41 -19.39
CA VAL A 19 11.70 15.82 -19.45
C VAL A 19 11.51 14.91 -20.66
N ALA A 20 11.85 15.39 -21.86
CA ALA A 20 11.69 14.58 -23.06
C ALA A 20 12.53 13.31 -23.00
N PRO A 21 13.82 13.42 -22.65
CA PRO A 21 14.64 12.20 -22.57
C PRO A 21 14.13 11.23 -21.52
N PHE A 22 13.68 11.76 -20.38
CA PHE A 22 13.16 10.94 -19.28
C PHE A 22 11.98 10.12 -19.82
N ILE A 23 11.05 10.81 -20.48
CA ILE A 23 9.89 10.15 -21.05
C ILE A 23 10.28 9.10 -22.10
N GLY A 24 11.24 9.45 -22.96
CA GLY A 24 11.68 8.52 -23.98
C GLY A 24 12.33 7.26 -23.44
N GLU A 25 13.25 7.42 -22.49
CA GLU A 25 13.92 6.28 -21.90
C GLU A 25 12.95 5.43 -21.09
N LEU A 26 12.01 6.10 -20.41
CA LEU A 26 11.02 5.38 -19.62
C LEU A 26 10.09 4.57 -20.52
N ALA A 27 9.70 5.15 -21.65
CA ALA A 27 8.82 4.45 -22.58
C ALA A 27 9.50 3.16 -23.06
N ALA A 28 10.80 3.22 -23.30
CA ALA A 28 11.55 2.06 -23.75
C ALA A 28 11.55 1.01 -22.63
N ALA A 29 11.77 1.46 -21.39
CA ALA A 29 11.80 0.55 -20.25
C ALA A 29 10.41 -0.06 -20.00
N LEU A 30 9.37 0.75 -20.22
CA LEU A 30 8.00 0.28 -20.03
C LEU A 30 7.68 -0.79 -21.07
N ARG A 31 8.14 -0.58 -22.30
CA ARG A 31 7.89 -1.57 -23.35
C ARG A 31 8.50 -2.91 -22.97
N ASP A 32 9.71 -2.89 -22.42
CA ASP A 32 10.36 -4.13 -22.01
C ASP A 32 9.59 -4.82 -20.89
N ASP A 33 9.12 -4.06 -19.91
CA ASP A 33 8.38 -4.66 -18.82
C ASP A 33 7.02 -5.18 -19.30
N PHE A 34 6.34 -4.45 -20.17
CA PHE A 34 5.06 -4.91 -20.67
C PHE A 34 5.23 -6.20 -21.47
N LYS A 35 6.37 -6.34 -22.13
CA LYS A 35 6.62 -7.57 -22.90
C LYS A 35 6.74 -8.78 -21.98
N ARG A 36 7.22 -8.59 -20.76
CA ARG A 36 7.33 -9.72 -19.83
C ARG A 36 6.17 -9.68 -18.82
N TRP A 37 5.02 -9.23 -19.33
CA TRP A 37 3.78 -9.11 -18.57
C TRP A 37 3.47 -10.35 -17.73
N GLN A 38 3.65 -11.52 -18.35
CA GLN A 38 3.35 -12.79 -17.69
C GLN A 38 4.27 -13.14 -16.53
N ALA A 39 5.35 -12.38 -16.38
CA ALA A 39 6.31 -12.60 -15.30
C ALA A 39 5.95 -11.90 -14.00
N PHE A 40 4.93 -11.04 -14.05
CA PHE A 40 4.52 -10.29 -12.88
C PHE A 40 3.31 -10.83 -12.13
N ASP A 41 3.35 -10.68 -10.81
CA ASP A 41 2.25 -11.08 -9.93
C ASP A 41 1.39 -9.82 -9.96
N LYS A 42 0.35 -9.85 -10.79
CA LYS A 42 -0.54 -8.71 -10.98
C LYS A 42 -1.83 -8.76 -10.19
N SER A 43 -2.31 -7.57 -9.82
CA SER A 43 -3.56 -7.45 -9.09
C SER A 43 -4.19 -6.08 -9.37
N ALA A 44 -5.50 -6.00 -9.22
CA ALA A 44 -6.18 -4.72 -9.42
C ALA A 44 -5.88 -3.91 -8.18
N ARG A 45 -5.56 -2.63 -8.37
CA ARG A 45 -5.24 -1.78 -7.23
C ARG A 45 -6.40 -1.70 -6.25
N VAL A 46 -6.08 -1.45 -4.99
CA VAL A 46 -7.10 -1.36 -3.94
C VAL A 46 -7.41 0.11 -3.69
N ALA A 47 -8.69 0.46 -3.81
CA ALA A 47 -9.10 1.84 -3.63
C ALA A 47 -10.04 2.09 -2.46
N SER A 48 -9.87 3.24 -1.84
CA SER A 48 -10.70 3.68 -0.73
C SER A 48 -11.38 4.96 -1.23
N HIS A 49 -12.67 4.87 -1.51
CA HIS A 49 -13.43 6.01 -2.03
C HIS A 49 -14.06 6.89 -0.97
N SER A 50 -14.10 8.19 -1.26
CA SER A 50 -14.71 9.16 -0.37
C SER A 50 -15.60 10.04 -1.26
N GLU A 51 -16.31 11.00 -0.66
CA GLU A 51 -17.20 11.84 -1.44
C GLU A 51 -16.48 12.76 -2.43
N VAL A 52 -15.27 13.19 -2.09
CA VAL A 52 -14.53 14.10 -2.97
C VAL A 52 -13.33 13.50 -3.70
N GLY A 53 -12.98 12.25 -3.40
CA GLY A 53 -11.85 11.66 -4.07
C GLY A 53 -11.63 10.18 -3.80
N VAL A 54 -10.40 9.73 -4.01
CA VAL A 54 -10.05 8.33 -3.79
C VAL A 54 -8.58 8.24 -3.41
N ILE A 55 -8.26 7.24 -2.61
CA ILE A 55 -6.88 6.98 -2.20
C ILE A 55 -6.65 5.53 -2.55
N GLU A 56 -5.60 5.25 -3.31
CA GLU A 56 -5.33 3.89 -3.77
C GLU A 56 -3.91 3.41 -3.52
N LEU A 57 -3.75 2.09 -3.42
CA LEU A 57 -2.45 1.45 -3.26
C LEU A 57 -2.30 0.59 -4.50
N MSE A 58 -1.17 0.74 -5.19
CA MSE A 58 -0.92 0.01 -6.43
C MSE A 58 0.33 -0.86 -6.39
O MSE A 58 1.42 -0.44 -6.76
CB MSE A 58 -0.80 1.03 -7.57
CG MSE A 58 -2.02 1.97 -7.65
SE MSE A 58 -1.83 3.37 -8.97
CE MSE A 58 -1.60 2.25 -10.54
N PRO A 59 0.17 -2.13 -5.95
CA PRO A 59 1.31 -3.05 -5.87
C PRO A 59 1.48 -3.95 -7.08
N VAL A 60 2.70 -4.44 -7.26
CA VAL A 60 3.03 -5.38 -8.33
C VAL A 60 4.41 -5.92 -7.97
N ALA A 61 4.71 -7.14 -8.41
CA ALA A 61 6.00 -7.72 -8.10
C ALA A 61 6.38 -8.80 -9.09
N ASP A 62 7.69 -9.01 -9.24
CA ASP A 62 8.17 -10.10 -10.09
C ASP A 62 8.99 -10.96 -9.14
N LYS A 63 9.83 -11.86 -9.65
CA LYS A 63 10.61 -12.73 -8.78
C LYS A 63 11.69 -12.03 -7.96
N SER A 64 12.08 -10.83 -8.36
CA SER A 64 13.16 -10.11 -7.68
C SER A 64 12.78 -8.82 -6.97
N ARG A 65 11.88 -8.06 -7.58
CA ARG A 65 11.48 -6.78 -7.04
C ARG A 65 9.99 -6.63 -6.76
N TYR A 66 9.68 -5.89 -5.69
CA TYR A 66 8.32 -5.60 -5.31
C TYR A 66 8.21 -4.08 -5.34
N ALA A 67 7.09 -3.57 -5.85
CA ALA A 67 6.89 -2.13 -5.89
C ALA A 67 5.45 -1.80 -5.61
N PHE A 68 5.21 -0.61 -5.07
CA PHE A 68 3.85 -0.16 -4.84
C PHE A 68 3.84 1.35 -4.81
N LYS A 69 2.70 1.91 -5.16
CA LYS A 69 2.53 3.34 -5.14
C LYS A 69 1.28 3.71 -4.39
N TYR A 70 1.38 4.75 -3.56
CA TYR A 70 0.26 5.30 -2.83
C TYR A 70 -0.09 6.51 -3.69
N VAL A 71 -1.37 6.68 -4.02
CA VAL A 71 -1.77 7.83 -4.82
C VAL A 71 -3.21 8.22 -4.56
N ASN A 72 -3.49 9.52 -4.60
CA ASN A 72 -4.84 10.03 -4.38
C ASN A 72 -5.27 10.77 -5.64
N GLY A 73 -6.58 10.93 -5.77
CA GLY A 73 -7.14 11.65 -6.90
C GLY A 73 -8.33 12.44 -6.39
N HIS A 74 -8.10 13.72 -6.14
CA HIS A 74 -9.12 14.63 -5.62
C HIS A 74 -9.27 15.83 -6.53
N PRO A 75 -10.20 15.78 -7.49
CA PRO A 75 -10.45 16.88 -8.43
C PRO A 75 -10.66 18.26 -7.82
N ALA A 76 -11.22 18.33 -6.62
CA ALA A 76 -11.47 19.62 -5.98
C ALA A 76 -10.26 20.21 -5.25
N ASN A 77 -9.18 19.44 -5.16
CA ASN A 77 -7.98 19.92 -4.47
C ASN A 77 -7.40 21.23 -5.00
N THR A 78 -7.44 21.43 -6.32
CA THR A 78 -6.89 22.64 -6.91
C THR A 78 -7.54 23.92 -6.40
N ALA A 79 -8.80 23.81 -5.95
CA ALA A 79 -9.51 24.98 -5.42
C ALA A 79 -8.94 25.35 -4.04
N ARG A 80 -8.15 24.44 -3.47
CA ARG A 80 -7.52 24.63 -2.17
C ARG A 80 -6.01 24.75 -2.36
N ASN A 81 -5.60 25.00 -3.60
CA ASN A 81 -4.19 25.12 -3.96
C ASN A 81 -3.39 23.86 -3.72
N LEU A 82 -4.07 22.72 -3.80
CA LEU A 82 -3.42 21.41 -3.63
C LEU A 82 -3.49 20.70 -4.97
N HIS A 83 -2.55 19.79 -5.22
CA HIS A 83 -2.56 19.02 -6.45
C HIS A 83 -3.66 17.98 -6.43
N THR A 84 -4.30 17.78 -7.58
CA THR A 84 -5.35 16.78 -7.70
C THR A 84 -4.73 15.41 -7.43
N VAL A 85 -3.54 15.20 -7.97
CA VAL A 85 -2.82 13.94 -7.82
C VAL A 85 -1.53 14.10 -7.04
N MSE A 86 -1.39 13.29 -5.98
CA MSE A 86 -0.18 13.26 -5.16
C MSE A 86 0.17 11.79 -4.99
O MSE A 86 -0.72 10.96 -4.82
CB MSE A 86 -0.42 13.91 -3.79
CG MSE A 86 -0.60 15.42 -3.87
SE MSE A 86 -0.91 16.20 -2.14
CE MSE A 86 -2.79 15.83 -2.01
N ALA A 87 1.46 11.47 -5.05
CA ALA A 87 1.85 10.08 -4.91
C ALA A 87 3.28 9.89 -4.44
N PHE A 88 3.56 8.70 -3.91
CA PHE A 88 4.89 8.31 -3.47
C PHE A 88 4.90 6.78 -3.50
N GLY A 89 6.09 6.19 -3.55
CA GLY A 89 6.15 4.75 -3.62
C GLY A 89 7.43 4.12 -3.13
N VAL A 90 7.45 2.80 -3.16
CA VAL A 90 8.59 2.04 -2.67
C VAL A 90 8.98 0.89 -3.59
N LEU A 91 10.28 0.66 -3.70
CA LEU A 91 10.82 -0.45 -4.48
C LEU A 91 11.51 -1.30 -3.42
N ALA A 92 11.13 -2.57 -3.34
CA ALA A 92 11.70 -3.46 -2.33
C ALA A 92 12.25 -4.77 -2.87
N ASP A 93 13.10 -5.40 -2.06
CA ASP A 93 13.73 -6.68 -2.38
C ASP A 93 12.77 -7.81 -2.00
N VAL A 94 12.42 -8.64 -2.98
CA VAL A 94 11.49 -9.73 -2.76
C VAL A 94 11.95 -10.81 -1.79
N ASP A 95 13.21 -11.22 -1.86
CA ASP A 95 13.68 -12.28 -0.98
C ASP A 95 13.92 -11.91 0.48
N SER A 96 13.81 -10.63 0.82
CA SER A 96 14.02 -10.19 2.20
C SER A 96 12.90 -9.28 2.68
N GLY A 97 12.21 -8.65 1.74
CA GLY A 97 11.14 -7.73 2.10
C GLY A 97 11.69 -6.35 2.42
N TYR A 98 13.00 -6.18 2.31
CA TYR A 98 13.63 -4.90 2.63
C TYR A 98 13.31 -3.80 1.63
N PRO A 99 12.85 -2.64 2.12
CA PRO A 99 12.52 -1.52 1.23
C PRO A 99 13.81 -0.77 0.86
N VAL A 100 14.18 -0.86 -0.42
CA VAL A 100 15.41 -0.24 -0.89
C VAL A 100 15.28 1.24 -1.22
N LEU A 101 14.17 1.62 -1.82
CA LEU A 101 13.94 3.00 -2.21
C LEU A 101 12.54 3.49 -1.85
N LEU A 102 12.49 4.69 -1.27
CA LEU A 102 11.23 5.36 -0.95
C LEU A 102 11.36 6.60 -1.82
N SER A 103 10.39 6.85 -2.69
CA SER A 103 10.49 8.01 -3.57
C SER A 103 9.21 8.78 -3.77
N GLU A 104 9.36 10.09 -4.01
CA GLU A 104 8.22 10.93 -4.31
C GLU A 104 7.78 10.33 -5.64
N LEU A 105 6.50 10.38 -5.96
CA LEU A 105 6.04 9.86 -7.25
C LEU A 105 4.98 10.75 -7.89
N THR A 106 4.86 11.98 -7.40
CA THR A 106 3.89 12.90 -7.99
C THR A 106 4.43 13.35 -9.33
N ILE A 107 5.69 13.80 -9.35
CA ILE A 107 6.32 14.22 -10.59
C ILE A 107 6.47 12.97 -11.46
N ALA A 108 6.96 11.89 -10.85
CA ALA A 108 7.16 10.64 -11.57
C ALA A 108 5.88 10.09 -12.21
N THR A 109 4.74 10.29 -11.55
CA THR A 109 3.48 9.78 -12.10
C THR A 109 3.16 10.47 -13.41
N ALA A 110 3.37 11.78 -13.48
CA ALA A 110 3.10 12.51 -14.70
C ALA A 110 4.01 11.99 -15.81
N LEU A 111 5.26 11.70 -15.45
CA LEU A 111 6.22 11.18 -16.41
C LEU A 111 5.87 9.78 -16.90
N ARG A 112 5.49 8.86 -15.99
CA ARG A 112 5.16 7.51 -16.44
C ARG A 112 3.84 7.46 -17.20
N THR A 113 2.95 8.39 -16.90
CA THR A 113 1.65 8.42 -17.57
C THR A 113 1.86 8.91 -19.00
N ALA A 114 2.75 9.89 -19.16
CA ALA A 114 3.06 10.41 -20.48
C ALA A 114 3.80 9.33 -21.27
N ALA A 115 4.70 8.62 -20.61
CA ALA A 115 5.46 7.56 -21.26
C ALA A 115 4.54 6.42 -21.69
N THR A 116 3.57 6.08 -20.84
CA THR A 116 2.64 5.01 -21.16
C THR A 116 1.76 5.42 -22.35
N SER A 117 1.27 6.66 -22.32
CA SER A 117 0.44 7.16 -23.40
C SER A 117 1.25 7.19 -24.71
N LEU A 118 2.53 7.54 -24.61
CA LEU A 118 3.40 7.58 -25.79
C LEU A 118 3.57 6.18 -26.36
N MSE A 119 3.94 5.24 -25.47
CA MSE A 119 4.13 3.84 -25.86
C MSE A 119 2.90 3.30 -26.57
O MSE A 119 2.99 2.63 -27.59
CB MSE A 119 4.44 3.01 -24.62
CG MSE A 119 4.46 1.50 -24.85
SE MSE A 119 4.89 0.58 -23.21
CE MSE A 119 3.16 0.61 -22.39
N ALA A 120 1.73 3.58 -25.99
CA ALA A 120 0.48 3.12 -26.58
C ALA A 120 0.26 3.76 -27.95
N ALA A 121 0.46 5.06 -28.02
CA ALA A 121 0.25 5.79 -29.26
C ALA A 121 1.17 5.31 -30.38
N GLN A 122 2.41 4.99 -30.04
CA GLN A 122 3.36 4.53 -31.05
C GLN A 122 2.84 3.24 -31.69
N ALA A 123 2.14 2.44 -30.92
CA ALA A 123 1.61 1.18 -31.42
C ALA A 123 0.18 1.26 -31.94
N LEU A 124 -0.53 2.32 -31.60
CA LEU A 124 -1.93 2.44 -32.01
C LEU A 124 -2.33 3.59 -32.93
N ALA A 125 -1.66 4.73 -32.83
CA ALA A 125 -2.00 5.87 -33.67
C ALA A 125 -1.41 5.73 -35.07
N ARG A 126 -1.97 6.47 -36.02
CA ARG A 126 -1.46 6.44 -37.38
C ARG A 126 -0.06 7.04 -37.31
N PRO A 127 0.91 6.39 -37.96
CA PRO A 127 2.30 6.88 -37.95
C PRO A 127 2.49 8.27 -38.54
N ASN A 128 1.49 8.76 -39.27
CA ASN A 128 1.60 10.07 -39.89
C ASN A 128 0.88 11.18 -39.12
N ALA A 129 0.58 10.92 -37.85
CA ALA A 129 -0.10 11.91 -37.02
C ALA A 129 0.78 13.15 -36.83
N ARG A 130 0.18 14.34 -36.83
CA ARG A 130 0.92 15.59 -36.66
C ARG A 130 0.21 16.63 -35.80
N LYS A 131 -1.10 16.46 -35.62
CA LYS A 131 -1.89 17.41 -34.85
C LYS A 131 -2.65 16.69 -33.74
N MSE A 132 -2.63 17.27 -32.54
CA MSE A 132 -3.30 16.66 -31.40
C MSE A 132 -4.12 17.67 -30.59
O MSE A 132 -3.71 18.81 -30.41
CB MSE A 132 -2.26 16.00 -30.48
CG MSE A 132 -2.82 15.36 -29.21
SE MSE A 132 -1.44 14.45 -28.16
CE MSE A 132 -0.74 15.97 -27.19
N ALA A 133 -5.29 17.22 -30.14
CA ALA A 133 -6.14 18.05 -29.30
C ALA A 133 -5.78 17.64 -27.87
N LEU A 134 -5.62 18.62 -27.00
CA LEU A 134 -5.29 18.34 -25.61
C LEU A 134 -6.37 18.99 -24.75
N ILE A 135 -7.29 18.15 -24.26
CA ILE A 135 -8.41 18.61 -23.43
C ILE A 135 -8.04 18.40 -21.98
N GLY A 136 -7.95 19.50 -21.23
CA GLY A 136 -7.53 19.42 -19.85
C GLY A 136 -6.09 19.90 -19.93
N ASN A 137 -5.80 21.05 -19.34
CA ASN A 137 -4.46 21.62 -19.42
C ASN A 137 -3.85 21.80 -18.03
N GLY A 138 -4.08 20.82 -17.16
CA GLY A 138 -3.57 20.86 -15.81
C GLY A 138 -2.20 20.23 -15.63
N ALA A 139 -2.00 19.61 -14.48
CA ALA A 139 -0.71 18.99 -14.13
C ALA A 139 -0.15 18.00 -15.15
N GLN A 140 -0.98 17.12 -15.69
CA GLN A 140 -0.50 16.13 -16.65
C GLN A 140 -0.20 16.68 -18.04
N SER A 141 -0.91 17.76 -18.41
CA SER A 141 -0.81 18.33 -19.75
C SER A 141 0.57 18.61 -20.38
N GLU A 142 1.46 19.30 -19.66
CA GLU A 142 2.77 19.59 -20.24
C GLU A 142 3.55 18.34 -20.58
N PHE A 143 3.45 17.33 -19.72
CA PHE A 143 4.15 16.07 -19.90
C PHE A 143 3.61 15.31 -21.11
N GLN A 144 2.28 15.27 -21.22
CA GLN A 144 1.64 14.62 -22.36
C GLN A 144 2.06 15.36 -23.63
N ALA A 145 1.99 16.68 -23.58
CA ALA A 145 2.35 17.51 -24.73
C ALA A 145 3.76 17.22 -25.22
N LEU A 146 4.74 17.25 -24.33
CA LEU A 146 6.12 16.99 -24.73
C LEU A 146 6.37 15.56 -25.20
N ALA A 147 5.73 14.58 -24.58
CA ALA A 147 5.90 13.19 -24.98
C ALA A 147 5.55 13.04 -26.46
N PHE A 148 4.40 13.59 -26.85
CA PHE A 148 3.94 13.50 -28.23
C PHE A 148 4.72 14.37 -29.20
N HIS A 149 5.12 15.56 -28.75
CA HIS A 149 5.89 16.46 -29.61
C HIS A 149 7.30 15.93 -29.90
N LYS A 150 8.00 15.55 -28.85
CA LYS A 150 9.37 15.07 -29.01
C LYS A 150 9.54 13.64 -29.49
N HIS A 151 8.56 12.79 -29.26
CA HIS A 151 8.69 11.40 -29.66
C HIS A 151 7.68 10.86 -30.66
N LEU A 152 6.65 11.61 -30.97
CA LEU A 152 5.66 11.13 -31.92
C LEU A 152 5.35 12.11 -33.04
N GLY A 153 6.29 13.04 -33.27
CA GLY A 153 6.13 14.02 -34.33
C GLY A 153 4.95 14.97 -34.31
N ILE A 154 4.37 15.22 -33.15
CA ILE A 154 3.25 16.16 -33.09
C ILE A 154 3.80 17.57 -33.13
N GLU A 155 3.42 18.32 -34.17
CA GLU A 155 3.90 19.69 -34.35
C GLU A 155 2.90 20.73 -33.89
N GLU A 156 1.64 20.35 -33.81
CA GLU A 156 0.60 21.30 -33.42
C GLU A 156 -0.38 20.72 -32.41
N ILE A 157 -0.64 21.49 -31.37
CA ILE A 157 -1.59 21.08 -30.34
C ILE A 157 -2.66 22.16 -30.20
N VAL A 158 -3.92 21.73 -30.18
CA VAL A 158 -5.03 22.65 -30.00
C VAL A 158 -5.53 22.29 -28.61
N ALA A 159 -5.41 23.24 -27.69
CA ALA A 159 -5.78 23.00 -26.30
C ALA A 159 -7.02 23.69 -25.79
N TYR A 160 -7.73 23.00 -24.90
CA TYR A 160 -8.92 23.54 -24.27
C TYR A 160 -9.01 23.08 -22.83
N ASP A 161 -9.43 23.98 -21.97
CA ASP A 161 -9.62 23.71 -20.55
C ASP A 161 -10.68 24.70 -20.10
N THR A 162 -11.59 24.27 -19.24
CA THR A 162 -12.63 25.17 -18.76
C THR A 162 -11.99 26.34 -18.00
N ASP A 163 -10.78 26.11 -17.49
CA ASP A 163 -10.02 27.13 -16.78
C ASP A 163 -9.05 27.74 -17.79
N PRO A 164 -9.32 28.97 -18.25
CA PRO A 164 -8.45 29.63 -19.23
C PRO A 164 -7.01 29.85 -18.77
N LEU A 165 -6.81 29.97 -17.46
CA LEU A 165 -5.47 30.18 -16.94
C LEU A 165 -4.64 28.90 -17.07
N ALA A 166 -5.30 27.76 -17.09
CA ALA A 166 -4.59 26.49 -17.23
C ALA A 166 -3.98 26.43 -18.64
N THR A 167 -4.76 26.80 -19.63
CA THR A 167 -4.27 26.79 -21.01
C THR A 167 -3.12 27.79 -21.16
N ALA A 168 -3.28 28.97 -20.56
CA ALA A 168 -2.24 29.99 -20.62
C ALA A 168 -0.95 29.42 -20.03
N LYS A 169 -1.09 28.70 -18.93
CA LYS A 169 0.06 28.09 -18.26
C LYS A 169 0.76 27.10 -19.18
N LEU A 170 -0.03 26.25 -19.82
CA LEU A 170 0.51 25.23 -20.73
C LEU A 170 1.29 25.89 -21.86
N ILE A 171 0.68 26.86 -22.51
CA ILE A 171 1.32 27.56 -23.63
C ILE A 171 2.62 28.23 -23.21
N ALA A 172 2.59 28.93 -22.08
CA ALA A 172 3.78 29.63 -21.59
C ALA A 172 4.89 28.65 -21.21
N ASN A 173 4.52 27.53 -20.59
CA ASN A 173 5.50 26.53 -20.18
C ASN A 173 6.28 25.90 -21.33
N LEU A 174 5.63 25.72 -22.47
CA LEU A 174 6.28 25.06 -23.60
C LEU A 174 6.63 25.97 -24.76
N LYS A 175 6.55 27.28 -24.56
CA LYS A 175 6.88 28.23 -25.62
C LYS A 175 8.30 28.03 -26.11
N GLU A 176 9.19 27.62 -25.20
CA GLU A 176 10.60 27.39 -25.51
C GLU A 176 10.83 26.32 -26.56
N TYR A 177 9.84 25.46 -26.75
CA TYR A 177 9.93 24.40 -27.76
C TYR A 177 9.37 24.99 -29.04
N SER A 178 10.26 25.68 -29.78
CA SER A 178 9.90 26.37 -31.02
C SER A 178 9.29 25.51 -32.12
N GLY A 179 9.55 24.21 -32.10
CA GLY A 179 9.00 23.33 -33.12
C GLY A 179 7.57 22.93 -32.81
N LEU A 180 7.08 23.35 -31.65
CA LEU A 180 5.72 23.03 -31.23
C LEU A 180 4.82 24.25 -31.14
N THR A 181 3.68 24.19 -31.81
CA THR A 181 2.71 25.28 -31.79
C THR A 181 1.52 24.83 -30.95
N ILE A 182 1.19 25.60 -29.92
CA ILE A 182 0.06 25.29 -29.06
C ILE A 182 -0.91 26.47 -29.09
N ARG A 183 -2.12 26.20 -29.56
CA ARG A 183 -3.15 27.23 -29.65
C ARG A 183 -4.38 26.90 -28.81
N ARG A 184 -4.98 27.94 -28.25
CA ARG A 184 -6.17 27.82 -27.43
C ARG A 184 -7.44 27.81 -28.27
N ALA A 185 -8.30 26.84 -28.00
CA ALA A 185 -9.59 26.72 -28.70
C ALA A 185 -10.64 27.12 -27.66
N SER A 186 -11.84 27.46 -28.11
CA SER A 186 -12.88 27.90 -27.19
C SER A 186 -13.89 26.83 -26.74
N SER A 187 -13.70 25.60 -27.24
CA SER A 187 -14.59 24.50 -26.89
C SER A 187 -13.92 23.19 -27.25
N VAL A 188 -14.41 22.08 -26.70
CA VAL A 188 -13.86 20.77 -27.00
C VAL A 188 -14.10 20.44 -28.47
N ALA A 189 -15.32 20.69 -28.94
CA ALA A 189 -15.66 20.42 -30.33
C ALA A 189 -14.70 21.12 -31.28
N GLU A 190 -14.42 22.39 -31.01
CA GLU A 190 -13.51 23.17 -31.84
C GLU A 190 -12.09 22.60 -31.79
N ALA A 191 -11.64 22.25 -30.59
CA ALA A 191 -10.29 21.73 -30.40
C ALA A 191 -9.99 20.41 -31.11
N VAL A 192 -10.97 19.51 -31.15
CA VAL A 192 -10.75 18.21 -31.77
C VAL A 192 -10.96 18.12 -33.28
N LYS A 193 -11.55 19.16 -33.86
CA LYS A 193 -11.80 19.16 -35.30
C LYS A 193 -10.53 18.94 -36.12
N GLY A 194 -10.53 17.86 -36.90
CA GLY A 194 -9.40 17.55 -37.77
C GLY A 194 -8.09 17.10 -37.14
N VAL A 195 -8.10 16.74 -35.86
CA VAL A 195 -6.87 16.29 -35.22
C VAL A 195 -6.64 14.80 -35.45
N ASP A 196 -5.39 14.38 -35.33
CA ASP A 196 -5.02 12.98 -35.53
C ASP A 196 -5.12 12.20 -34.21
N ILE A 197 -4.90 12.91 -33.12
CA ILE A 197 -4.94 12.31 -31.79
C ILE A 197 -5.67 13.22 -30.82
N ILE A 198 -6.49 12.64 -29.95
CA ILE A 198 -7.19 13.41 -28.94
C ILE A 198 -6.71 12.89 -27.59
N THR A 199 -6.09 13.77 -26.80
CA THR A 199 -5.66 13.37 -25.47
C THR A 199 -6.57 14.09 -24.49
N THR A 200 -7.22 13.32 -23.64
CA THR A 200 -8.09 13.90 -22.63
C THR A 200 -7.52 13.64 -21.26
N VAL A 201 -7.25 14.71 -20.53
CA VAL A 201 -6.71 14.62 -19.18
C VAL A 201 -7.47 15.60 -18.29
N THR A 202 -8.79 15.50 -18.30
CA THR A 202 -9.61 16.39 -17.48
C THR A 202 -9.83 15.73 -16.12
N ALA A 203 -10.11 16.54 -15.11
CA ALA A 203 -10.35 16.02 -13.77
C ALA A 203 -11.72 16.43 -13.27
N ASP A 204 -12.62 15.44 -13.20
CA ASP A 204 -13.99 15.66 -12.74
C ASP A 204 -14.49 14.31 -12.26
N LYS A 205 -14.72 14.19 -10.97
CA LYS A 205 -15.21 12.93 -10.41
C LYS A 205 -16.68 12.75 -10.72
N ALA A 206 -16.97 12.32 -11.96
CA ALA A 206 -18.33 12.09 -12.41
C ALA A 206 -18.34 11.56 -13.84
N TYR A 207 -19.52 11.16 -14.30
CA TYR A 207 -19.68 10.64 -15.66
C TYR A 207 -19.75 11.83 -16.61
N ALA A 208 -18.67 12.07 -17.36
CA ALA A 208 -18.65 13.19 -18.28
C ALA A 208 -18.56 12.71 -19.72
N THR A 209 -19.12 13.50 -20.63
CA THR A 209 -19.08 13.18 -22.05
C THR A 209 -18.23 14.24 -22.72
N ILE A 210 -16.97 14.32 -22.30
CA ILE A 210 -16.03 15.27 -22.87
C ILE A 210 -16.05 15.06 -24.38
N ILE A 211 -15.95 13.82 -24.79
CA ILE A 211 -15.96 13.46 -26.20
C ILE A 211 -17.25 12.72 -26.55
N THR A 212 -17.96 13.20 -27.56
CA THR A 212 -19.20 12.59 -28.01
C THR A 212 -18.96 12.00 -29.40
N PRO A 213 -19.79 11.02 -29.80
CA PRO A 213 -19.69 10.35 -31.11
C PRO A 213 -19.60 11.27 -32.32
N ASP A 214 -20.37 12.36 -32.29
CA ASP A 214 -20.38 13.30 -33.41
C ASP A 214 -19.04 14.02 -33.63
N MSE A 215 -18.14 13.90 -32.66
CA MSE A 215 -16.83 14.53 -32.77
C MSE A 215 -15.82 13.62 -33.46
O MSE A 215 -14.77 14.08 -33.93
CB MSE A 215 -16.28 14.86 -31.38
CG MSE A 215 -17.03 15.94 -30.64
SE MSE A 215 -16.21 16.19 -28.92
CE MSE A 215 -17.56 17.35 -28.13
N LEU A 216 -16.14 12.32 -33.54
CA LEU A 216 -15.23 11.37 -34.15
C LEU A 216 -15.05 11.52 -35.65
N GLU A 217 -13.80 11.35 -36.08
CA GLU A 217 -13.42 11.43 -37.48
C GLU A 217 -12.61 10.16 -37.76
N PRO A 218 -12.76 9.58 -38.96
CA PRO A 218 -12.01 8.37 -39.28
C PRO A 218 -10.50 8.51 -39.08
N GLY A 219 -9.88 7.47 -38.51
CA GLY A 219 -8.44 7.49 -38.31
C GLY A 219 -7.92 8.08 -37.02
N MSE A 220 -8.80 8.57 -36.15
CA MSE A 220 -8.36 9.17 -34.90
C MSE A 220 -7.91 8.15 -33.86
O MSE A 220 -8.37 7.01 -33.84
CB MSE A 220 -9.48 9.98 -34.24
CG MSE A 220 -9.88 11.27 -34.93
SE MSE A 220 -11.22 12.14 -33.85
CE MSE A 220 -10.93 13.95 -34.42
N HIS A 221 -7.00 8.59 -32.99
CA HIS A 221 -6.55 7.78 -31.88
C HIS A 221 -6.89 8.61 -30.65
N LEU A 222 -7.57 7.99 -29.70
CA LEU A 222 -7.94 8.68 -28.47
C LEU A 222 -7.11 8.17 -27.30
N ASN A 223 -6.36 9.08 -26.70
CA ASN A 223 -5.50 8.81 -25.55
C ASN A 223 -6.36 9.29 -24.38
N ALA A 224 -7.25 8.43 -23.90
CA ALA A 224 -8.18 8.77 -22.81
C ALA A 224 -7.55 8.48 -21.46
N VAL A 225 -6.99 9.53 -20.85
CA VAL A 225 -6.28 9.40 -19.59
C VAL A 225 -6.98 9.89 -18.32
N GLY A 226 -7.79 10.93 -18.44
CA GLY A 226 -8.46 11.54 -17.29
C GLY A 226 -9.34 10.69 -16.41
N GLY A 227 -10.21 9.89 -17.00
CA GLY A 227 -11.10 9.04 -16.22
C GLY A 227 -10.30 7.85 -15.70
N ASP A 228 -10.43 7.54 -14.42
CA ASP A 228 -9.65 6.42 -13.91
C ASP A 228 -10.20 5.69 -12.70
N CYS A 229 -11.52 5.72 -12.55
CA CYS A 229 -12.14 5.00 -11.45
C CYS A 229 -13.64 4.89 -11.70
N PRO A 230 -14.33 4.03 -10.93
CA PRO A 230 -15.77 3.87 -11.12
C PRO A 230 -16.50 5.20 -11.01
N GLY A 231 -17.39 5.47 -11.97
CA GLY A 231 -18.15 6.71 -11.96
C GLY A 231 -17.40 7.92 -12.46
N LYS A 232 -16.19 7.72 -12.98
CA LYS A 232 -15.38 8.83 -13.47
C LYS A 232 -14.91 8.51 -14.88
N THR A 233 -15.61 9.05 -15.87
CA THR A 233 -15.29 8.81 -17.29
C THR A 233 -15.29 10.10 -18.08
N GLU A 234 -14.68 10.06 -19.27
CA GLU A 234 -14.60 11.22 -20.15
C GLU A 234 -15.25 11.00 -21.51
N LEU A 235 -15.41 9.74 -21.89
CA LEU A 235 -15.98 9.41 -23.20
C LEU A 235 -17.41 8.90 -23.17
N HIS A 236 -18.21 9.33 -24.14
CA HIS A 236 -19.58 8.86 -24.24
C HIS A 236 -19.41 7.39 -24.62
N ALA A 237 -20.25 6.52 -24.08
CA ALA A 237 -20.16 5.10 -24.36
C ALA A 237 -20.14 4.77 -25.86
N ASP A 238 -20.88 5.53 -26.65
CA ASP A 238 -20.94 5.26 -28.08
C ASP A 238 -19.65 5.58 -28.82
N VAL A 239 -18.74 6.30 -28.15
CA VAL A 239 -17.46 6.61 -28.76
C VAL A 239 -16.68 5.29 -28.81
N LEU A 240 -16.80 4.51 -27.73
CA LEU A 240 -16.13 3.23 -27.63
C LEU A 240 -16.71 2.20 -28.61
N ARG A 241 -18.00 2.30 -28.88
CA ARG A 241 -18.64 1.37 -29.81
C ARG A 241 -18.15 1.55 -31.24
N ASN A 242 -17.56 2.70 -31.53
CA ASN A 242 -17.04 2.99 -32.87
C ASN A 242 -15.52 2.83 -32.93
N ALA A 243 -14.95 2.07 -32.00
CA ALA A 243 -13.50 1.93 -31.98
C ALA A 243 -12.96 0.59 -31.50
N ARG A 244 -11.66 0.40 -31.70
CA ARG A 244 -10.95 -0.78 -31.24
C ARG A 244 -10.36 -0.22 -29.95
N VAL A 245 -10.70 -0.86 -28.84
CA VAL A 245 -10.27 -0.39 -27.53
C VAL A 245 -9.17 -1.21 -26.88
N PHE A 246 -8.13 -0.51 -26.42
CA PHE A 246 -6.96 -1.13 -25.81
C PHE A 246 -6.86 -0.79 -24.33
N VAL A 247 -6.44 -1.75 -23.52
CA VAL A 247 -6.32 -1.57 -22.08
C VAL A 247 -4.97 -2.01 -21.50
N GLU A 248 -4.75 -1.64 -20.24
CA GLU A 248 -3.55 -2.02 -19.52
C GLU A 248 -3.83 -3.40 -18.89
N TYR A 249 -4.31 -3.41 -17.65
CA TYR A 249 -4.65 -4.67 -16.97
C TYR A 249 -6.19 -4.77 -16.98
N GLU A 250 -6.69 -5.62 -17.87
CA GLU A 250 -8.13 -5.79 -18.09
C GLU A 250 -9.04 -5.93 -16.87
N PRO A 251 -8.68 -6.77 -15.90
CA PRO A 251 -9.54 -6.92 -14.72
C PRO A 251 -9.79 -5.59 -14.01
N GLN A 252 -8.76 -4.76 -13.96
CA GLN A 252 -8.85 -3.47 -13.31
C GLN A 252 -9.58 -2.44 -14.18
N THR A 253 -9.26 -2.41 -15.47
CA THR A 253 -9.88 -1.45 -16.37
C THR A 253 -11.38 -1.69 -16.58
N ARG A 254 -11.82 -2.95 -16.47
CA ARG A 254 -13.25 -3.25 -16.63
C ARG A 254 -14.04 -2.51 -15.56
N ILE A 255 -13.39 -2.28 -14.43
CA ILE A 255 -14.01 -1.60 -13.29
C ILE A 255 -13.83 -0.09 -13.29
N GLU A 256 -12.63 0.38 -13.65
CA GLU A 256 -12.30 1.80 -13.61
C GLU A 256 -12.24 2.58 -14.92
N GLY A 257 -12.10 1.89 -16.03
CA GLY A 257 -11.98 2.58 -17.30
C GLY A 257 -13.25 3.02 -17.99
N GLU A 258 -13.09 3.62 -19.17
CA GLU A 258 -14.21 4.07 -19.97
C GLU A 258 -15.12 2.88 -20.27
N ILE A 259 -14.52 1.69 -20.39
CA ILE A 259 -15.29 0.49 -20.70
C ILE A 259 -16.23 0.04 -19.58
N GLN A 260 -16.19 0.71 -18.43
CA GLN A 260 -17.08 0.36 -17.33
C GLN A 260 -18.52 0.67 -17.76
N GLN A 261 -18.67 1.48 -18.80
CA GLN A 261 -19.98 1.87 -19.31
C GLN A 261 -20.49 0.90 -20.36
N LEU A 262 -19.69 -0.10 -20.70
CA LEU A 262 -20.05 -1.07 -21.73
C LEU A 262 -20.29 -2.47 -21.17
N PRO A 263 -20.91 -3.35 -21.98
CA PRO A 263 -21.17 -4.73 -21.55
C PRO A 263 -19.89 -5.40 -21.06
N ALA A 264 -20.04 -6.31 -20.10
CA ALA A 264 -18.89 -7.00 -19.56
C ALA A 264 -18.20 -7.79 -20.66
N ASP A 265 -18.96 -8.10 -21.71
CA ASP A 265 -18.44 -8.87 -22.84
C ASP A 265 -17.89 -7.99 -23.96
N PHE A 266 -17.97 -6.68 -23.82
CA PHE A 266 -17.45 -5.77 -24.84
C PHE A 266 -15.98 -6.12 -25.11
N PRO A 267 -15.65 -6.39 -26.39
CA PRO A 267 -14.27 -6.73 -26.76
C PRO A 267 -13.21 -5.65 -26.57
N VAL A 268 -12.12 -6.02 -25.91
CA VAL A 268 -11.00 -5.10 -25.70
C VAL A 268 -9.70 -5.83 -26.03
N VAL A 269 -8.63 -5.07 -26.21
CA VAL A 269 -7.32 -5.61 -26.56
C VAL A 269 -6.27 -5.26 -25.51
N ASP A 270 -5.52 -6.26 -25.07
CA ASP A 270 -4.47 -6.04 -24.07
C ASP A 270 -3.26 -5.39 -24.76
N LEU A 271 -2.88 -4.21 -24.28
CA LEU A 271 -1.77 -3.50 -24.86
C LEU A 271 -0.47 -4.31 -24.90
N TRP A 272 -0.20 -5.06 -23.84
CA TRP A 272 1.04 -5.85 -23.81
C TRP A 272 1.08 -6.86 -24.94
N ARG A 273 -0.07 -7.38 -25.32
CA ARG A 273 -0.12 -8.37 -26.40
C ARG A 273 0.12 -7.70 -27.75
N VAL A 274 -0.23 -6.42 -27.85
CA VAL A 274 0.01 -5.69 -29.10
C VAL A 274 1.52 -5.50 -29.23
N LEU A 275 2.15 -5.13 -28.12
CA LEU A 275 3.60 -4.91 -28.11
C LEU A 275 4.36 -6.21 -28.39
N ARG A 276 3.77 -7.34 -28.01
CA ARG A 276 4.38 -8.65 -28.23
C ARG A 276 4.10 -9.15 -29.65
N GLY A 277 3.21 -8.46 -30.35
CA GLY A 277 2.87 -8.84 -31.71
C GLY A 277 1.94 -10.04 -31.80
N GLU A 278 1.20 -10.29 -30.72
CA GLU A 278 0.26 -11.41 -30.66
C GLU A 278 -1.12 -11.04 -31.18
N THR A 279 -1.40 -9.74 -31.18
CA THR A 279 -2.67 -9.24 -31.67
C THR A 279 -2.38 -7.87 -32.27
N GLU A 280 -3.25 -7.41 -33.17
CA GLU A 280 -3.05 -6.13 -33.83
C GLU A 280 -3.36 -4.89 -33.00
N GLY A 281 -2.67 -3.81 -33.35
CA GLY A 281 -2.93 -2.52 -32.73
C GLY A 281 -3.89 -1.92 -33.72
N ARG A 282 -3.45 -0.93 -34.48
CA ARG A 282 -4.30 -0.30 -35.49
C ARG A 282 -4.39 -1.28 -36.67
N GLN A 283 -5.60 -1.44 -37.20
CA GLN A 283 -5.81 -2.38 -38.29
C GLN A 283 -6.10 -1.72 -39.64
N SER A 284 -6.42 -0.43 -39.61
CA SER A 284 -6.73 0.31 -40.83
C SER A 284 -6.51 1.79 -40.59
N ASP A 285 -6.25 2.54 -41.66
CA ASP A 285 -6.03 3.98 -41.52
C ASP A 285 -7.27 4.72 -41.02
N SER A 286 -8.45 4.25 -41.41
CA SER A 286 -9.71 4.88 -41.03
C SER A 286 -10.27 4.45 -39.68
N GLN A 287 -9.66 3.44 -39.08
CA GLN A 287 -10.12 2.94 -37.79
C GLN A 287 -9.95 3.98 -36.69
N VAL A 288 -10.81 3.91 -35.68
CA VAL A 288 -10.69 4.79 -34.54
C VAL A 288 -10.15 3.89 -33.43
N THR A 289 -9.04 4.29 -32.82
CA THR A 289 -8.46 3.50 -31.74
C THR A 289 -8.58 4.28 -30.45
N VAL A 290 -8.79 3.57 -29.35
CA VAL A 290 -8.92 4.20 -28.05
C VAL A 290 -8.06 3.50 -27.01
N PHE A 291 -7.16 4.26 -26.38
CA PHE A 291 -6.37 3.69 -25.31
C PHE A 291 -7.13 4.13 -24.06
N ASP A 292 -7.80 3.17 -23.44
CA ASP A 292 -8.60 3.38 -22.24
C ASP A 292 -7.63 3.26 -21.07
N SER A 293 -6.94 4.37 -20.79
CA SER A 293 -5.92 4.43 -19.76
C SER A 293 -6.38 4.82 -18.36
N VAL A 294 -6.07 3.99 -17.37
CA VAL A 294 -6.46 4.30 -16.01
C VAL A 294 -5.26 4.29 -15.06
N GLY A 295 -4.14 3.77 -15.55
CA GLY A 295 -2.95 3.66 -14.74
C GLY A 295 -2.85 2.26 -14.17
N PHE A 296 -1.64 1.70 -14.14
CA PHE A 296 -1.45 0.36 -13.62
C PHE A 296 -0.10 0.26 -12.93
N ALA A 297 -0.07 -0.47 -11.81
CA ALA A 297 1.13 -0.63 -11.00
C ALA A 297 2.42 -0.97 -11.73
N LEU A 298 2.34 -1.74 -12.81
CA LEU A 298 3.57 -2.08 -13.52
C LEU A 298 4.30 -0.82 -13.99
N GLU A 299 3.55 0.20 -14.39
CA GLU A 299 4.13 1.45 -14.86
C GLU A 299 4.92 2.15 -13.74
N ASP A 300 4.41 2.05 -12.52
CA ASP A 300 5.06 2.66 -11.38
C ASP A 300 6.30 1.86 -10.97
N TYR A 301 6.24 0.55 -11.18
CA TYR A 301 7.36 -0.34 -10.91
C TYR A 301 8.51 0.10 -11.83
N THR A 302 8.18 0.28 -13.10
CA THR A 302 9.19 0.67 -14.08
C THR A 302 9.83 2.02 -13.75
N VAL A 303 9.02 3.02 -13.42
CA VAL A 303 9.59 4.32 -13.13
C VAL A 303 10.40 4.31 -11.84
N LEU A 304 10.01 3.48 -10.87
CA LEU A 304 10.76 3.40 -9.61
C LEU A 304 12.15 2.80 -9.89
N ARG A 305 12.20 1.77 -10.74
CA ARG A 305 13.48 1.15 -11.07
C ARG A 305 14.35 2.13 -11.85
N TYR A 306 13.72 2.88 -12.75
CA TYR A 306 14.44 3.85 -13.57
C TYR A 306 15.02 4.95 -12.69
N VAL A 307 14.20 5.47 -11.77
CA VAL A 307 14.63 6.53 -10.88
C VAL A 307 15.80 6.06 -10.01
N LEU A 308 15.71 4.83 -9.50
CA LEU A 308 16.77 4.30 -8.64
C LEU A 308 18.09 4.26 -9.42
N GLN A 309 18.03 3.76 -10.64
CA GLN A 309 19.22 3.66 -11.48
C GLN A 309 19.81 5.03 -11.79
N GLN A 310 18.95 5.98 -12.14
CA GLN A 310 19.40 7.33 -12.47
C GLN A 310 19.95 8.08 -11.27
N ALA A 311 19.37 7.82 -10.10
CA ALA A 311 19.81 8.47 -8.87
C ALA A 311 21.14 7.89 -8.41
N GLU A 312 21.26 6.56 -8.48
CA GLU A 312 22.48 5.87 -8.07
C GLU A 312 23.73 6.36 -8.79
N LYS A 313 23.67 6.45 -10.11
CA LYS A 313 24.85 6.87 -10.86
C LYS A 313 25.22 8.33 -10.61
N ARG A 314 24.32 9.07 -9.97
CA ARG A 314 24.56 10.48 -9.67
C ARG A 314 24.83 10.67 -8.17
N GLY A 315 24.75 9.58 -7.42
CA GLY A 315 24.99 9.65 -5.99
C GLY A 315 23.93 10.46 -5.27
N MSE A 316 22.73 10.50 -5.82
CA MSE A 316 21.62 11.26 -5.25
C MSE A 316 20.72 10.40 -4.36
O MSE A 316 20.57 9.20 -4.58
CB MSE A 316 20.79 11.90 -6.37
CG MSE A 316 21.54 12.94 -7.17
SE MSE A 316 20.51 13.63 -8.67
CE MSE A 316 19.40 14.89 -7.71
N GLY A 317 20.12 11.05 -3.36
CA GLY A 317 19.24 10.32 -2.45
C GLY A 317 19.79 10.37 -1.03
N THR A 318 18.89 10.35 -0.06
CA THR A 318 19.29 10.41 1.34
C THR A 318 18.94 9.13 2.08
N LYS A 319 19.85 8.66 2.93
CA LYS A 319 19.60 7.46 3.70
C LYS A 319 18.63 7.77 4.83
N ILE A 320 17.64 6.90 5.03
CA ILE A 320 16.67 7.07 6.11
C ILE A 320 16.51 5.75 6.86
N ASP A 321 16.23 5.84 8.15
CA ASP A 321 16.05 4.66 8.97
C ASP A 321 14.57 4.33 9.05
N LEU A 322 14.05 3.74 7.97
CA LEU A 322 12.65 3.39 7.86
C LEU A 322 12.34 2.08 8.58
N VAL A 323 13.24 1.12 8.46
CA VAL A 323 13.11 -0.18 9.11
C VAL A 323 14.51 -0.62 9.55
N PRO A 324 14.59 -1.62 10.44
CA PRO A 324 15.92 -2.06 10.90
C PRO A 324 16.67 -2.72 9.75
N TRP A 325 18.00 -2.65 9.78
CA TRP A 325 18.78 -3.30 8.74
C TRP A 325 19.40 -4.53 9.43
N VAL A 326 20.64 -4.86 9.11
CA VAL A 326 21.26 -6.03 9.74
C VAL A 326 21.70 -5.74 11.18
N GLU A 327 21.43 -6.68 12.08
CA GLU A 327 21.80 -6.52 13.48
C GLU A 327 22.38 -7.82 14.05
N ASP A 328 23.17 -7.73 15.11
CA ASP A 328 23.76 -8.91 15.73
C ASP A 328 22.70 -9.93 16.12
N ASP A 329 21.60 -9.45 16.68
CA ASP A 329 20.50 -10.33 17.07
C ASP A 329 19.20 -9.75 16.54
N PRO A 330 18.77 -10.22 15.35
CA PRO A 330 17.53 -9.77 14.71
C PRO A 330 16.26 -10.16 15.45
N LYS A 331 16.41 -10.99 16.48
CA LYS A 331 15.25 -11.43 17.27
C LYS A 331 15.07 -10.55 18.49
N ASP A 332 15.98 -9.60 18.70
CA ASP A 332 15.90 -8.71 19.86
C ASP A 332 15.38 -7.33 19.44
N LEU A 333 14.10 -7.27 19.14
CA LEU A 333 13.48 -6.01 18.74
C LEU A 333 13.28 -5.14 19.98
N PHE A 334 13.10 -5.79 21.13
CA PHE A 334 12.88 -5.10 22.39
C PHE A 334 14.03 -4.14 22.73
N SER A 335 15.22 -4.43 22.23
CA SER A 335 16.37 -3.57 22.49
C SER A 335 16.14 -2.17 21.92
N HIS A 336 15.21 -2.05 20.98
CA HIS A 336 14.89 -0.76 20.36
C HIS A 336 13.91 0.06 21.19
N THR A 337 13.53 -0.44 22.36
CA THR A 337 12.58 0.29 23.20
C THR A 337 13.30 1.05 24.31
N ARG A 338 14.62 0.90 24.36
CA ARG A 338 15.42 1.55 25.39
C ARG A 338 15.93 2.93 24.95
N GLY A 339 15.41 3.43 23.83
CA GLY A 339 15.84 4.74 23.33
C GLY A 339 16.96 4.60 22.31
N ARG A 340 17.12 5.60 21.45
CA ARG A 340 18.16 5.54 20.43
C ARG A 340 19.56 5.47 21.03
N ALA A 341 19.68 5.88 22.30
CA ALA A 341 20.96 5.85 22.99
C ALA A 341 21.17 4.51 23.70
N THR B 2 4.30 16.71 5.48
CA THR B 2 4.37 15.31 5.95
C THR B 2 5.45 15.17 7.03
N TYR B 3 5.09 14.55 8.14
CA TYR B 3 6.06 14.34 9.21
C TYR B 3 6.53 12.91 9.15
N PHE B 4 7.79 12.72 9.52
CA PHE B 4 8.41 11.40 9.49
C PHE B 4 8.97 10.99 10.83
N ILE B 5 8.61 9.78 11.26
CA ILE B 5 9.11 9.22 12.51
C ILE B 5 9.92 7.99 12.13
N ASP B 6 11.24 8.10 12.20
CA ASP B 6 12.09 6.97 11.84
C ASP B 6 12.30 6.02 13.01
N VAL B 7 13.10 4.98 12.81
CA VAL B 7 13.34 4.00 13.85
C VAL B 7 13.88 4.57 15.17
N PRO B 8 14.98 5.34 15.11
CA PRO B 8 15.49 5.90 16.38
C PRO B 8 14.52 6.85 17.08
N THR B 9 13.72 7.58 16.31
CA THR B 9 12.75 8.49 16.91
C THR B 9 11.65 7.70 17.58
N MSE B 10 11.19 6.62 16.94
CA MSE B 10 10.16 5.78 17.52
C MSE B 10 10.73 5.17 18.80
O MSE B 10 10.01 5.02 19.79
CB MSE B 10 9.74 4.66 16.55
CG MSE B 10 8.75 3.66 17.13
SE MSE B 10 6.97 4.37 17.47
CE MSE B 10 6.34 4.45 15.63
N SER B 11 12.01 4.81 18.78
CA SER B 11 12.66 4.23 19.94
C SER B 11 12.61 5.22 21.10
N ASP B 12 12.88 6.49 20.81
CA ASP B 12 12.84 7.51 21.84
C ASP B 12 11.40 7.70 22.34
N LEU B 13 10.44 7.66 21.43
CA LEU B 13 9.04 7.85 21.80
C LEU B 13 8.56 6.73 22.73
N VAL B 14 8.85 5.49 22.33
CA VAL B 14 8.45 4.34 23.13
C VAL B 14 9.17 4.36 24.48
N HIS B 15 10.44 4.74 24.48
CA HIS B 15 11.20 4.80 25.72
C HIS B 15 10.60 5.84 26.67
N ASP B 16 10.15 6.96 26.10
CA ASP B 16 9.58 8.03 26.91
C ASP B 16 8.25 7.62 27.54
N ILE B 17 7.35 7.11 26.72
CA ILE B 17 6.04 6.67 27.20
C ILE B 17 6.19 5.45 28.10
N GLY B 18 7.13 4.57 27.75
CA GLY B 18 7.33 3.34 28.49
C GLY B 18 6.58 2.25 27.75
N VAL B 19 7.20 1.09 27.59
CA VAL B 19 6.56 -0.01 26.87
C VAL B 19 5.24 -0.44 27.50
N ALA B 20 5.21 -0.55 28.82
CA ALA B 20 4.00 -0.97 29.52
C ALA B 20 2.83 0.00 29.29
N PRO B 21 3.03 1.29 29.55
CA PRO B 21 1.94 2.26 29.33
C PRO B 21 1.54 2.33 27.86
N PHE B 22 2.52 2.24 26.97
CA PHE B 22 2.27 2.29 25.54
C PHE B 22 1.28 1.18 25.17
N ILE B 23 1.57 -0.04 25.63
CA ILE B 23 0.71 -1.18 25.34
C ILE B 23 -0.66 -1.02 25.98
N GLY B 24 -0.70 -0.58 27.23
CA GLY B 24 -1.97 -0.42 27.92
C GLY B 24 -2.86 0.63 27.28
N GLU B 25 -2.29 1.78 26.96
CA GLU B 25 -3.04 2.86 26.35
C GLU B 25 -3.49 2.47 24.95
N LEU B 26 -2.63 1.75 24.23
CA LEU B 26 -2.96 1.32 22.88
C LEU B 26 -4.09 0.30 22.89
N ALA B 27 -4.09 -0.59 23.88
CA ALA B 27 -5.15 -1.59 23.98
C ALA B 27 -6.49 -0.90 24.19
N ALA B 28 -6.49 0.16 24.99
CA ALA B 28 -7.72 0.91 25.25
C ALA B 28 -8.19 1.57 23.97
N ALA B 29 -7.26 2.13 23.21
CA ALA B 29 -7.58 2.80 21.95
C ALA B 29 -8.08 1.78 20.93
N LEU B 30 -7.45 0.61 20.92
CA LEU B 30 -7.84 -0.45 20.00
C LEU B 30 -9.27 -0.90 20.31
N ARG B 31 -9.58 -1.06 21.59
CA ARG B 31 -10.92 -1.49 22.00
C ARG B 31 -11.97 -0.51 21.49
N ASP B 32 -11.73 0.78 21.64
CA ASP B 32 -12.70 1.78 21.17
C ASP B 32 -12.86 1.73 19.65
N ASP B 33 -11.76 1.58 18.92
CA ASP B 33 -11.85 1.51 17.47
C ASP B 33 -12.57 0.24 17.03
N PHE B 34 -12.31 -0.88 17.71
CA PHE B 34 -12.99 -2.12 17.37
C PHE B 34 -14.49 -1.97 17.60
N LYS B 35 -14.88 -1.25 18.65
CA LYS B 35 -16.30 -1.06 18.91
C LYS B 35 -16.93 -0.24 17.78
N ARG B 36 -16.12 0.58 17.12
CA ARG B 36 -16.56 1.43 16.02
C ARG B 36 -16.34 0.73 14.67
N TRP B 37 -16.20 -0.59 14.75
CA TRP B 37 -15.98 -1.46 13.59
C TRP B 37 -16.72 -1.11 12.30
N GLN B 38 -18.04 -0.91 12.41
CA GLN B 38 -18.85 -0.64 11.24
C GLN B 38 -18.71 0.75 10.61
N ALA B 39 -17.86 1.58 11.18
CA ALA B 39 -17.64 2.92 10.63
C ALA B 39 -16.45 2.90 9.67
N PHE B 40 -15.75 1.77 9.62
CA PHE B 40 -14.56 1.65 8.76
C PHE B 40 -14.73 0.97 7.41
N ASP B 41 -14.02 1.50 6.42
CA ASP B 41 -14.00 0.95 5.07
C ASP B 41 -12.91 -0.12 5.16
N LYS B 42 -13.36 -1.37 5.33
CA LYS B 42 -12.45 -2.50 5.49
C LYS B 42 -12.23 -3.35 4.25
N SER B 43 -11.08 -4.00 4.20
CA SER B 43 -10.72 -4.87 3.09
C SER B 43 -9.62 -5.84 3.54
N ALA B 44 -9.57 -7.00 2.89
CA ALA B 44 -8.54 -7.97 3.22
C ALA B 44 -7.24 -7.42 2.64
N ARG B 45 -6.16 -7.48 3.40
CA ARG B 45 -4.89 -6.98 2.92
C ARG B 45 -4.42 -7.67 1.64
N VAL B 46 -3.67 -6.95 0.82
CA VAL B 46 -3.16 -7.49 -0.43
C VAL B 46 -1.81 -8.14 -0.17
N ALA B 47 -1.71 -9.42 -0.50
CA ALA B 47 -0.47 -10.15 -0.25
C ALA B 47 0.24 -10.60 -1.52
N SER B 48 1.55 -10.41 -1.54
CA SER B 48 2.38 -10.80 -2.67
C SER B 48 3.33 -11.86 -2.13
N HIS B 49 3.03 -13.12 -2.42
CA HIS B 49 3.82 -14.24 -1.94
C HIS B 49 5.05 -14.57 -2.79
N SER B 50 6.09 -15.02 -2.11
CA SER B 50 7.32 -15.40 -2.77
C SER B 50 7.76 -16.73 -2.16
N GLU B 51 8.88 -17.26 -2.65
CA GLU B 51 9.40 -18.53 -2.17
C GLU B 51 9.71 -18.59 -0.68
N VAL B 52 10.24 -17.50 -0.12
CA VAL B 52 10.59 -17.50 1.31
C VAL B 52 9.85 -16.52 2.19
N GLY B 53 8.91 -15.77 1.61
CA GLY B 53 8.17 -14.82 2.42
C GLY B 53 6.97 -14.22 1.74
N VAL B 54 6.53 -13.09 2.27
CA VAL B 54 5.39 -12.38 1.72
C VAL B 54 5.52 -10.90 2.04
N ILE B 55 4.98 -10.07 1.16
CA ILE B 55 5.00 -8.62 1.34
C ILE B 55 3.54 -8.24 1.21
N GLU B 56 3.02 -7.52 2.20
CA GLU B 56 1.62 -7.14 2.20
C GLU B 56 1.36 -5.67 2.41
N LEU B 57 0.22 -5.20 1.91
CA LEU B 57 -0.21 -3.82 2.08
C LEU B 57 -1.52 -3.93 2.83
N MSE B 58 -1.64 -3.18 3.93
CA MSE B 58 -2.82 -3.25 4.80
C MSE B 58 -3.52 -1.91 4.98
O MSE B 58 -3.21 -1.17 5.92
CB MSE B 58 -2.40 -3.82 6.16
CG MSE B 58 -1.66 -5.15 6.05
SE MSE B 58 -0.91 -5.76 7.73
CE MSE B 58 -2.55 -5.81 8.75
N PRO B 59 -4.47 -1.59 4.10
CA PRO B 59 -5.20 -0.33 4.17
C PRO B 59 -6.52 -0.42 4.93
N VAL B 60 -6.98 0.73 5.42
CA VAL B 60 -8.26 0.86 6.12
C VAL B 60 -8.53 2.35 6.24
N ALA B 61 -9.79 2.72 6.40
CA ALA B 61 -10.13 4.13 6.51
C ALA B 61 -11.53 4.37 7.03
N ASP B 62 -11.74 5.57 7.57
CA ASP B 62 -13.07 5.97 8.02
C ASP B 62 -13.36 7.23 7.22
N LYS B 63 -14.32 8.04 7.64
CA LYS B 63 -14.64 9.24 6.88
C LYS B 63 -13.62 10.37 6.91
N SER B 64 -12.69 10.35 7.86
CA SER B 64 -11.71 11.42 7.94
C SER B 64 -10.25 11.01 7.81
N ARG B 65 -9.92 9.78 8.21
CA ARG B 65 -8.54 9.32 8.14
C ARG B 65 -8.34 8.02 7.36
N TYR B 66 -7.25 7.95 6.63
CA TYR B 66 -6.89 6.77 5.85
C TYR B 66 -5.54 6.29 6.37
N ALA B 67 -5.37 4.99 6.48
CA ALA B 67 -4.10 4.46 6.96
C ALA B 67 -3.74 3.17 6.24
N PHE B 68 -2.45 2.91 6.11
CA PHE B 68 -2.01 1.68 5.50
C PHE B 68 -0.63 1.34 6.02
N LYS B 69 -0.32 0.05 6.02
CA LYS B 69 0.98 -0.41 6.45
C LYS B 69 1.58 -1.36 5.42
N TYR B 70 2.88 -1.19 5.19
CA TYR B 70 3.63 -2.08 4.31
C TYR B 70 4.31 -2.99 5.31
N VAL B 71 4.27 -4.30 5.08
CA VAL B 71 4.90 -5.22 6.00
C VAL B 71 5.29 -6.52 5.30
N ASN B 72 6.44 -7.08 5.70
CA ASN B 72 6.89 -8.33 5.12
C ASN B 72 6.94 -9.37 6.23
N GLY B 73 6.97 -10.63 5.82
CA GLY B 73 7.04 -11.73 6.77
C GLY B 73 7.92 -12.80 6.16
N HIS B 74 9.21 -12.77 6.52
CA HIS B 74 10.21 -13.70 6.01
C HIS B 74 10.91 -14.41 7.17
N PRO B 75 10.36 -15.55 7.61
CA PRO B 75 10.96 -16.29 8.72
C PRO B 75 12.46 -16.58 8.59
N ALA B 76 12.91 -16.83 7.36
CA ALA B 76 14.32 -17.13 7.14
C ALA B 76 15.25 -15.92 7.24
N ASN B 77 14.68 -14.72 7.36
CA ASN B 77 15.49 -13.51 7.46
C ASN B 77 16.47 -13.52 8.63
N THR B 78 16.07 -14.08 9.77
CA THR B 78 16.95 -14.08 10.93
C THR B 78 18.26 -14.82 10.70
N ALA B 79 18.24 -15.77 9.76
CA ALA B 79 19.45 -16.52 9.43
C ALA B 79 20.45 -15.60 8.73
N ARG B 80 19.95 -14.48 8.21
CA ARG B 80 20.77 -13.49 7.51
C ARG B 80 20.91 -12.22 8.34
N ASN B 81 20.62 -12.32 9.64
CA ASN B 81 20.70 -11.19 10.56
C ASN B 81 19.69 -10.08 10.26
N LEU B 82 18.59 -10.44 9.62
CA LEU B 82 17.53 -9.49 9.30
C LEU B 82 16.28 -9.87 10.10
N HIS B 83 15.42 -8.90 10.36
CA HIS B 83 14.19 -9.18 11.10
C HIS B 83 13.18 -9.93 10.24
N THR B 84 12.49 -10.87 10.86
CA THR B 84 11.47 -11.63 10.16
C THR B 84 10.38 -10.66 9.69
N VAL B 85 10.06 -9.70 10.55
CA VAL B 85 9.04 -8.70 10.26
C VAL B 85 9.59 -7.28 10.22
N MSE B 86 9.33 -6.57 9.12
CA MSE B 86 9.74 -5.18 8.98
C MSE B 86 8.52 -4.46 8.43
O MSE B 86 7.79 -5.02 7.61
CB MSE B 86 10.92 -5.04 8.01
CG MSE B 86 12.22 -5.63 8.53
SE MSE B 86 13.66 -5.42 7.26
CE MSE B 86 13.27 -6.94 6.14
N ALA B 87 8.29 -3.23 8.88
CA ALA B 87 7.11 -2.51 8.42
C ALA B 87 7.22 -1.00 8.58
N PHE B 88 6.37 -0.29 7.85
CA PHE B 88 6.29 1.16 7.92
C PHE B 88 4.90 1.52 7.39
N GLY B 89 4.42 2.70 7.70
CA GLY B 89 3.09 3.06 7.27
C GLY B 89 2.82 4.54 7.18
N VAL B 90 1.60 4.87 6.76
CA VAL B 90 1.19 6.24 6.56
C VAL B 90 -0.22 6.51 7.06
N LEU B 91 -0.41 7.70 7.63
CA LEU B 91 -1.73 8.14 8.08
C LEU B 91 -2.01 9.34 7.19
N ALA B 92 -3.15 9.33 6.50
CA ALA B 92 -3.48 10.41 5.57
C ALA B 92 -4.86 11.02 5.79
N ASP B 93 -5.03 12.23 5.25
CA ASP B 93 -6.28 12.97 5.33
C ASP B 93 -7.20 12.51 4.19
N VAL B 94 -8.37 12.01 4.53
CA VAL B 94 -9.32 11.52 3.53
C VAL B 94 -9.83 12.57 2.55
N ASP B 95 -10.12 13.78 3.04
CA ASP B 95 -10.66 14.80 2.16
C ASP B 95 -9.71 15.48 1.20
N SER B 96 -8.41 15.22 1.35
CA SER B 96 -7.41 15.83 0.47
C SER B 96 -6.44 14.79 -0.08
N GLY B 97 -6.35 13.64 0.59
CA GLY B 97 -5.44 12.60 0.17
C GLY B 97 -4.01 12.85 0.64
N TYR B 98 -3.80 13.97 1.33
CA TYR B 98 -2.47 14.34 1.80
C TYR B 98 -1.94 13.42 2.91
N PRO B 99 -0.71 12.91 2.73
CA PRO B 99 -0.10 12.02 3.73
C PRO B 99 0.47 12.85 4.87
N VAL B 100 -0.17 12.79 6.03
CA VAL B 100 0.26 13.57 7.18
C VAL B 100 1.44 12.98 7.95
N LEU B 101 1.48 11.66 8.05
CA LEU B 101 2.55 10.98 8.76
C LEU B 101 3.08 9.74 8.06
N LEU B 102 4.40 9.62 7.99
CA LEU B 102 5.08 8.44 7.46
C LEU B 102 5.82 7.95 8.69
N SER B 103 5.60 6.70 9.08
CA SER B 103 6.27 6.22 10.28
C SER B 103 6.80 4.80 10.20
N GLU B 104 7.89 4.55 10.90
CA GLU B 104 8.44 3.19 10.97
C GLU B 104 7.29 2.47 11.68
N LEU B 105 7.13 1.18 11.41
CA LEU B 105 6.09 0.43 12.10
C LEU B 105 6.56 -0.97 12.50
N THR B 106 7.88 -1.17 12.50
CA THR B 106 8.42 -2.46 12.90
C THR B 106 8.25 -2.59 14.41
N ILE B 107 8.72 -1.58 15.14
CA ILE B 107 8.58 -1.57 16.59
C ILE B 107 7.09 -1.46 16.91
N ALA B 108 6.41 -0.56 16.20
CA ALA B 108 4.98 -0.34 16.43
C ALA B 108 4.13 -1.58 16.19
N THR B 109 4.55 -2.43 15.26
CA THR B 109 3.77 -3.65 14.98
C THR B 109 3.82 -4.58 16.19
N ALA B 110 4.98 -4.71 16.81
CA ALA B 110 5.12 -5.57 17.99
C ALA B 110 4.23 -5.00 19.10
N LEU B 111 4.19 -3.68 19.21
CA LEU B 111 3.36 -3.05 20.23
C LEU B 111 1.86 -3.23 19.97
N ARG B 112 1.40 -3.00 18.73
CA ARG B 112 -0.02 -3.17 18.47
C ARG B 112 -0.46 -4.63 18.49
N THR B 113 0.45 -5.54 18.19
CA THR B 113 0.12 -6.96 18.20
C THR B 113 -0.04 -7.42 19.64
N ALA B 114 0.85 -6.92 20.51
CA ALA B 114 0.76 -7.28 21.92
C ALA B 114 -0.51 -6.64 22.51
N ALA B 115 -0.79 -5.40 22.11
CA ALA B 115 -1.98 -4.70 22.61
C ALA B 115 -3.26 -5.37 22.12
N THR B 116 -3.26 -5.85 20.89
CA THR B 116 -4.42 -6.53 20.35
C THR B 116 -4.63 -7.85 21.07
N SER B 117 -3.54 -8.59 21.30
CA SER B 117 -3.63 -9.85 22.02
C SER B 117 -4.16 -9.60 23.44
N LEU B 118 -3.69 -8.52 24.05
CA LEU B 118 -4.11 -8.16 25.40
C LEU B 118 -5.60 -7.84 25.42
N MSE B 119 -6.04 -7.01 24.48
CA MSE B 119 -7.44 -6.63 24.36
C MSE B 119 -8.33 -7.88 24.24
O MSE B 119 -9.35 -7.99 24.90
CB MSE B 119 -7.65 -5.73 23.14
CG MSE B 119 -9.12 -5.56 22.71
SE MSE B 119 -9.25 -4.49 21.11
CE MSE B 119 -8.72 -5.83 19.83
N ALA B 120 -7.91 -8.80 23.37
CA ALA B 120 -8.68 -10.01 23.17
C ALA B 120 -8.72 -10.86 24.44
N ALA B 121 -7.58 -11.00 25.09
CA ALA B 121 -7.50 -11.79 26.31
C ALA B 121 -8.32 -11.19 27.43
N GLN B 122 -8.30 -9.86 27.56
CA GLN B 122 -9.07 -9.21 28.61
C GLN B 122 -10.54 -9.58 28.47
N ALA B 123 -11.00 -9.69 27.23
CA ALA B 123 -12.40 -10.02 26.96
C ALA B 123 -12.71 -11.51 26.93
N LEU B 124 -11.72 -12.34 26.62
CA LEU B 124 -11.95 -13.77 26.48
C LEU B 124 -11.38 -14.73 27.52
N ALA B 125 -10.23 -14.40 28.11
CA ALA B 125 -9.61 -15.27 29.08
C ALA B 125 -10.29 -15.24 30.45
N ARG B 126 -10.11 -16.30 31.23
CA ARG B 126 -10.68 -16.34 32.56
C ARG B 126 -9.98 -15.25 33.37
N PRO B 127 -10.74 -14.48 34.16
CA PRO B 127 -10.18 -13.40 34.96
C PRO B 127 -9.14 -13.78 36.02
N ASN B 128 -9.06 -15.07 36.35
CA ASN B 128 -8.09 -15.49 37.37
C ASN B 128 -6.78 -16.01 36.81
N ALA B 129 -6.51 -15.76 35.54
CA ALA B 129 -5.28 -16.21 34.89
C ALA B 129 -4.01 -15.62 35.52
N ARG B 130 -2.99 -16.47 35.68
CA ARG B 130 -1.72 -16.02 36.26
C ARG B 130 -0.49 -16.67 35.62
N LYS B 131 -0.70 -17.77 34.90
CA LYS B 131 0.42 -18.46 34.26
C LYS B 131 0.22 -18.58 32.76
N MSE B 132 1.25 -18.24 32.00
CA MSE B 132 1.18 -18.28 30.55
C MSE B 132 2.36 -18.99 29.91
O MSE B 132 3.50 -18.88 30.37
CB MSE B 132 1.08 -16.85 29.99
CG MSE B 132 1.05 -16.76 28.47
SE MSE B 132 0.72 -14.95 27.83
CE MSE B 132 2.54 -14.31 27.83
N ALA B 133 2.08 -19.73 28.84
CA ALA B 133 3.13 -20.42 28.10
C ALA B 133 3.43 -19.49 26.92
N LEU B 134 4.71 -19.25 26.66
CA LEU B 134 5.10 -18.39 25.55
C LEU B 134 5.98 -19.22 24.61
N ILE B 135 5.36 -19.70 23.53
CA ILE B 135 6.05 -20.52 22.53
C ILE B 135 6.52 -19.60 21.41
N GLY B 136 7.82 -19.52 21.23
CA GLY B 136 8.39 -18.63 20.24
C GLY B 136 8.89 -17.47 21.07
N ASN B 137 10.20 -17.29 21.14
CA ASN B 137 10.77 -16.21 21.95
C ASN B 137 11.60 -15.23 21.13
N GLY B 138 11.08 -14.89 19.96
CA GLY B 138 11.75 -13.96 19.07
C GLY B 138 11.36 -12.51 19.29
N ALA B 139 11.31 -11.75 18.19
CA ALA B 139 11.00 -10.33 18.23
C ALA B 139 9.70 -9.94 18.93
N GLN B 140 8.62 -10.69 18.70
CA GLN B 140 7.34 -10.37 19.33
C GLN B 140 7.25 -10.74 20.80
N SER B 141 7.99 -11.76 21.21
CA SER B 141 7.92 -12.28 22.58
C SER B 141 8.00 -11.33 23.77
N GLU B 142 9.00 -10.46 23.81
CA GLU B 142 9.11 -9.54 24.95
C GLU B 142 7.86 -8.67 25.09
N PHE B 143 7.33 -8.22 23.95
CA PHE B 143 6.16 -7.37 23.95
C PHE B 143 4.92 -8.11 24.45
N GLN B 144 4.74 -9.35 23.98
CA GLN B 144 3.62 -10.17 24.41
C GLN B 144 3.74 -10.44 25.92
N ALA B 145 4.95 -10.80 26.35
CA ALA B 145 5.19 -11.10 27.76
C ALA B 145 4.81 -9.90 28.65
N LEU B 146 5.31 -8.72 28.30
CA LEU B 146 5.03 -7.53 29.10
C LEU B 146 3.56 -7.12 29.08
N ALA B 147 2.91 -7.28 27.93
CA ALA B 147 1.50 -6.92 27.82
C ALA B 147 0.67 -7.71 28.83
N PHE B 148 0.90 -9.02 28.85
CA PHE B 148 0.17 -9.90 29.76
C PHE B 148 0.58 -9.74 31.22
N HIS B 149 1.86 -9.51 31.46
CA HIS B 149 2.34 -9.33 32.83
C HIS B 149 1.83 -8.05 33.48
N LYS B 150 2.02 -6.93 32.80
CA LYS B 150 1.60 -5.64 33.34
C LYS B 150 0.12 -5.31 33.28
N HIS B 151 -0.62 -5.95 32.37
CA HIS B 151 -2.03 -5.64 32.23
C HIS B 151 -3.04 -6.77 32.40
N LEU B 152 -2.56 -8.01 32.49
CA LEU B 152 -3.47 -9.13 32.66
C LEU B 152 -3.08 -10.01 33.85
N GLY B 153 -2.25 -9.48 34.73
CA GLY B 153 -1.84 -10.20 35.93
C GLY B 153 -1.03 -11.48 35.78
N ILE B 154 -0.37 -11.68 34.65
CA ILE B 154 0.44 -12.87 34.46
C ILE B 154 1.72 -12.70 35.27
N GLU B 155 1.93 -13.62 36.23
CA GLU B 155 3.09 -13.58 37.11
C GLU B 155 4.18 -14.55 36.71
N GLU B 156 3.80 -15.63 36.04
CA GLU B 156 4.75 -16.65 35.62
C GLU B 156 4.60 -17.04 34.16
N ILE B 157 5.71 -17.03 33.44
CA ILE B 157 5.72 -17.41 32.04
C ILE B 157 6.68 -18.56 31.82
N VAL B 158 6.20 -19.62 31.16
CA VAL B 158 7.05 -20.76 30.85
C VAL B 158 7.31 -20.63 29.36
N ALA B 159 8.57 -20.41 29.00
CA ALA B 159 8.94 -20.19 27.61
C ALA B 159 9.67 -21.33 26.93
N TYR B 160 9.42 -21.44 25.63
CA TYR B 160 10.08 -22.44 24.80
C TYR B 160 10.28 -21.91 23.39
N ASP B 161 11.43 -22.22 22.82
CA ASP B 161 11.78 -21.83 21.47
C ASP B 161 12.80 -22.87 21.02
N THR B 162 12.73 -23.29 19.77
CA THR B 162 13.68 -24.28 19.28
C THR B 162 15.09 -23.74 19.46
N ASP B 163 15.22 -22.42 19.37
CA ASP B 163 16.49 -21.72 19.53
C ASP B 163 16.64 -21.30 21.00
N PRO B 164 17.48 -22.03 21.76
CA PRO B 164 17.69 -21.71 23.17
C PRO B 164 18.23 -20.31 23.44
N LEU B 165 18.93 -19.74 22.46
CA LEU B 165 19.49 -18.41 22.62
C LEU B 165 18.38 -17.37 22.61
N ALA B 166 17.29 -17.69 21.92
CA ALA B 166 16.15 -16.77 21.87
C ALA B 166 15.51 -16.70 23.25
N THR B 167 15.38 -17.85 23.90
CA THR B 167 14.79 -17.90 25.23
C THR B 167 15.69 -17.16 26.22
N ALA B 168 16.99 -17.32 26.08
CA ALA B 168 17.94 -16.65 26.96
C ALA B 168 17.79 -15.15 26.84
N LYS B 169 17.61 -14.69 25.60
CA LYS B 169 17.42 -13.28 25.30
C LYS B 169 16.18 -12.73 26.00
N LEU B 170 15.08 -13.46 25.84
CA LEU B 170 13.81 -13.08 26.45
C LEU B 170 13.93 -12.94 27.97
N ILE B 171 14.51 -13.95 28.61
CA ILE B 171 14.68 -13.94 30.05
C ILE B 171 15.56 -12.78 30.50
N ALA B 172 16.64 -12.53 29.77
CA ALA B 172 17.55 -11.45 30.12
C ALA B 172 16.92 -10.07 29.93
N ASN B 173 16.15 -9.90 28.86
CA ASN B 173 15.49 -8.63 28.60
C ASN B 173 14.46 -8.23 29.64
N LEU B 174 13.77 -9.21 30.21
CA LEU B 174 12.73 -8.90 31.18
C LEU B 174 13.06 -9.17 32.65
N LYS B 175 14.28 -9.58 32.93
CA LYS B 175 14.69 -9.86 34.30
C LYS B 175 14.49 -8.62 35.19
N GLU B 176 14.61 -7.45 34.58
CA GLU B 176 14.44 -6.19 35.29
C GLU B 176 13.03 -6.00 35.86
N TYR B 177 12.09 -6.85 35.44
CA TYR B 177 10.72 -6.80 35.94
C TYR B 177 10.62 -7.92 36.98
N SER B 178 10.99 -7.60 38.22
CA SER B 178 10.99 -8.56 39.32
C SER B 178 9.68 -9.27 39.65
N GLY B 179 8.56 -8.67 39.27
CA GLY B 179 7.28 -9.31 39.56
C GLY B 179 6.96 -10.43 38.59
N LEU B 180 7.81 -10.59 37.58
CA LEU B 180 7.61 -11.62 36.56
C LEU B 180 8.69 -12.69 36.53
N THR B 181 8.28 -13.95 36.65
CA THR B 181 9.22 -15.05 36.57
C THR B 181 9.07 -15.70 35.20
N ILE B 182 10.19 -15.89 34.52
CA ILE B 182 10.19 -16.52 33.20
C ILE B 182 11.17 -17.67 33.22
N ARG B 183 10.70 -18.88 32.95
CA ARG B 183 11.59 -20.03 32.95
C ARG B 183 11.51 -20.83 31.66
N ARG B 184 12.65 -21.40 31.30
CA ARG B 184 12.78 -22.21 30.09
C ARG B 184 12.27 -23.64 30.28
N ALA B 185 11.51 -24.12 29.30
CA ALA B 185 10.99 -25.49 29.32
C ALA B 185 11.73 -26.26 28.22
N SER B 186 11.77 -27.58 28.32
CA SER B 186 12.47 -28.40 27.34
C SER B 186 11.63 -28.77 26.12
N SER B 187 10.32 -28.47 26.18
CA SER B 187 9.44 -28.78 25.06
C SER B 187 8.16 -27.97 25.15
N VAL B 188 7.40 -27.96 24.05
CA VAL B 188 6.14 -27.23 24.02
C VAL B 188 5.17 -27.86 25.02
N ALA B 189 5.06 -29.19 24.97
CA ALA B 189 4.17 -29.90 25.88
C ALA B 189 4.46 -29.57 27.34
N GLU B 190 5.74 -29.49 27.68
CA GLU B 190 6.14 -29.18 29.05
C GLU B 190 5.79 -27.73 29.40
N ALA B 191 6.00 -26.84 28.43
CA ALA B 191 5.73 -25.43 28.64
C ALA B 191 4.26 -25.09 28.87
N VAL B 192 3.37 -25.77 28.15
CA VAL B 192 1.95 -25.49 28.26
C VAL B 192 1.20 -26.21 29.39
N LYS B 193 1.86 -27.15 30.06
CA LYS B 193 1.17 -27.87 31.13
C LYS B 193 0.72 -26.97 32.27
N GLY B 194 -0.58 -26.99 32.56
CA GLY B 194 -1.13 -26.20 33.64
C GLY B 194 -1.20 -24.69 33.49
N VAL B 195 -1.04 -24.18 32.28
CA VAL B 195 -1.10 -22.72 32.09
C VAL B 195 -2.52 -22.25 31.81
N ASP B 196 -2.80 -21.00 32.12
CA ASP B 196 -4.11 -20.40 31.91
C ASP B 196 -4.20 -19.85 30.50
N ILE B 197 -3.07 -19.41 29.96
CA ILE B 197 -3.01 -18.84 28.63
C ILE B 197 -1.82 -19.37 27.84
N ILE B 198 -2.04 -19.68 26.57
CA ILE B 198 -0.96 -20.14 25.70
C ILE B 198 -0.78 -19.12 24.59
N THR B 199 0.40 -18.53 24.51
CA THR B 199 0.66 -17.57 23.45
C THR B 199 1.68 -18.20 22.52
N THR B 200 1.31 -18.30 21.24
CA THR B 200 2.22 -18.87 20.25
C THR B 200 2.61 -17.78 19.26
N VAL B 201 3.92 -17.55 19.14
CA VAL B 201 4.45 -16.56 18.21
C VAL B 201 5.69 -17.13 17.51
N THR B 202 5.53 -18.31 16.92
CA THR B 202 6.62 -18.95 16.20
C THR B 202 6.60 -18.46 14.76
N ALA B 203 7.75 -18.50 14.09
CA ALA B 203 7.84 -18.07 12.70
C ALA B 203 8.34 -19.22 11.83
N ASP B 204 7.46 -19.71 10.98
CA ASP B 204 7.79 -20.82 10.08
C ASP B 204 6.73 -20.79 8.98
N LYS B 205 7.14 -20.43 7.77
CA LYS B 205 6.20 -20.35 6.65
C LYS B 205 5.80 -21.73 6.15
N ALA B 206 4.99 -22.42 6.95
CA ALA B 206 4.52 -23.75 6.62
C ALA B 206 3.47 -24.19 7.62
N TYR B 207 2.79 -25.30 7.33
CA TYR B 207 1.78 -25.83 8.23
C TYR B 207 2.50 -26.49 9.40
N ALA B 208 2.15 -26.10 10.61
CA ALA B 208 2.78 -26.67 11.78
C ALA B 208 1.75 -26.93 12.87
N THR B 209 2.01 -27.94 13.69
CA THR B 209 1.12 -28.26 14.79
C THR B 209 1.87 -28.04 16.09
N ILE B 210 2.11 -26.77 16.40
CA ILE B 210 2.80 -26.39 17.63
C ILE B 210 1.96 -26.86 18.82
N ILE B 211 0.66 -26.62 18.72
CA ILE B 211 -0.27 -27.02 19.76
C ILE B 211 -1.16 -28.14 19.24
N THR B 212 -1.21 -29.26 19.97
CA THR B 212 -2.03 -30.39 19.59
C THR B 212 -3.13 -30.60 20.62
N PRO B 213 -4.21 -31.31 20.24
CA PRO B 213 -5.36 -31.58 21.13
C PRO B 213 -5.02 -32.10 22.52
N ASP B 214 -4.00 -32.93 22.62
CA ASP B 214 -3.60 -33.51 23.90
C ASP B 214 -3.06 -32.50 24.90
N MSE B 215 -2.72 -31.29 24.43
CA MSE B 215 -2.19 -30.27 25.32
C MSE B 215 -3.27 -29.38 25.93
O MSE B 215 -3.00 -28.64 26.88
CB MSE B 215 -1.21 -29.37 24.56
CG MSE B 215 -0.08 -30.08 23.88
SE MSE B 215 1.00 -28.80 22.92
CE MSE B 215 2.53 -29.93 22.54
N LEU B 216 -4.46 -29.44 25.38
CA LEU B 216 -5.55 -28.62 25.86
C LEU B 216 -6.10 -29.04 27.22
N GLU B 217 -6.35 -28.04 28.06
CA GLU B 217 -6.90 -28.23 29.40
C GLU B 217 -8.12 -27.33 29.54
N PRO B 218 -9.12 -27.74 30.33
CA PRO B 218 -10.31 -26.90 30.50
C PRO B 218 -9.99 -25.49 30.98
N GLY B 219 -10.66 -24.51 30.39
CA GLY B 219 -10.47 -23.13 30.79
C GLY B 219 -9.38 -22.32 30.12
N MSE B 220 -8.55 -22.96 29.29
CA MSE B 220 -7.47 -22.26 28.61
C MSE B 220 -7.91 -21.25 27.58
O MSE B 220 -8.99 -21.34 26.99
CB MSE B 220 -6.55 -23.25 27.88
CG MSE B 220 -5.73 -24.16 28.75
SE MSE B 220 -4.49 -25.15 27.63
CE MSE B 220 -3.17 -25.58 28.96
N HIS B 221 -7.06 -20.24 27.37
CA HIS B 221 -7.27 -19.23 26.34
C HIS B 221 -6.03 -19.33 25.47
N LEU B 222 -6.23 -19.45 24.16
CA LEU B 222 -5.11 -19.53 23.25
C LEU B 222 -4.98 -18.25 22.43
N ASN B 223 -3.82 -17.62 22.59
CA ASN B 223 -3.47 -16.39 21.90
C ASN B 223 -2.58 -16.85 20.74
N ALA B 224 -3.21 -17.30 19.65
CA ALA B 224 -2.48 -17.82 18.49
C ALA B 224 -2.13 -16.69 17.53
N VAL B 225 -0.89 -16.22 17.66
CA VAL B 225 -0.40 -15.08 16.88
C VAL B 225 0.53 -15.38 15.70
N GLY B 226 1.38 -16.39 15.86
CA GLY B 226 2.37 -16.75 14.84
C GLY B 226 1.92 -17.00 13.41
N GLY B 227 0.91 -17.84 13.22
CA GLY B 227 0.44 -18.12 11.87
C GLY B 227 -0.32 -16.92 11.35
N ASP B 228 -0.05 -16.50 10.12
CA ASP B 228 -0.77 -15.33 9.63
C ASP B 228 -0.91 -15.20 8.13
N CYS B 229 -0.90 -16.33 7.44
CA CYS B 229 -1.07 -16.30 6.00
C CYS B 229 -1.38 -17.71 5.51
N PRO B 230 -1.90 -17.83 4.28
CA PRO B 230 -2.22 -19.17 3.77
C PRO B 230 -0.99 -20.09 3.78
N GLY B 231 -1.17 -21.29 4.30
CA GLY B 231 -0.09 -22.25 4.37
C GLY B 231 0.84 -22.06 5.55
N LYS B 232 0.44 -21.21 6.49
CA LYS B 232 1.24 -20.90 7.67
C LYS B 232 0.37 -20.95 8.91
N THR B 233 0.42 -22.07 9.64
CA THR B 233 -0.38 -22.27 10.84
C THR B 233 0.42 -22.82 12.02
N GLU B 234 -0.17 -22.74 13.22
CA GLU B 234 0.48 -23.23 14.44
C GLU B 234 -0.37 -24.22 15.22
N LEU B 235 -1.66 -24.24 14.95
CA LEU B 235 -2.57 -25.12 15.69
C LEU B 235 -3.10 -26.29 14.89
N HIS B 236 -3.22 -27.44 15.55
CA HIS B 236 -3.77 -28.61 14.89
C HIS B 236 -5.25 -28.28 14.70
N ALA B 237 -5.82 -28.66 13.57
CA ALA B 237 -7.22 -28.38 13.26
C ALA B 237 -8.19 -28.75 14.38
N ASP B 238 -7.94 -29.86 15.07
CA ASP B 238 -8.84 -30.29 16.14
C ASP B 238 -8.80 -29.38 17.37
N VAL B 239 -7.76 -28.57 17.50
CA VAL B 239 -7.69 -27.65 18.63
C VAL B 239 -8.83 -26.65 18.45
N LEU B 240 -9.01 -26.19 17.22
CA LEU B 240 -10.05 -25.22 16.90
C LEU B 240 -11.44 -25.82 17.10
N ARG B 241 -11.60 -27.09 16.70
CA ARG B 241 -12.90 -27.74 16.85
C ARG B 241 -13.31 -27.92 18.30
N ASN B 242 -12.34 -27.86 19.20
CA ASN B 242 -12.61 -28.01 20.63
C ASN B 242 -12.63 -26.69 21.38
N ALA B 243 -12.79 -25.59 20.65
CA ALA B 243 -12.81 -24.28 21.27
C ALA B 243 -13.79 -23.34 20.62
N ARG B 244 -14.04 -22.21 21.27
CA ARG B 244 -14.91 -21.18 20.73
C ARG B 244 -13.85 -20.25 20.11
N VAL B 245 -13.93 -20.06 18.80
CA VAL B 245 -12.95 -19.26 18.07
C VAL B 245 -13.36 -17.83 17.76
N PHE B 246 -12.47 -16.89 18.06
CA PHE B 246 -12.70 -15.48 17.84
C PHE B 246 -11.73 -14.91 16.81
N VAL B 247 -12.22 -14.01 15.95
CA VAL B 247 -11.39 -13.43 14.91
C VAL B 247 -11.46 -11.91 14.83
N GLU B 248 -10.54 -11.34 14.04
CA GLU B 248 -10.49 -9.90 13.79
C GLU B 248 -11.44 -9.66 12.63
N TYR B 249 -10.92 -9.69 11.40
CA TYR B 249 -11.72 -9.48 10.20
C TYR B 249 -11.90 -10.83 9.49
N GLU B 250 -13.06 -11.44 9.71
CA GLU B 250 -13.40 -12.76 9.18
C GLU B 250 -13.01 -13.07 7.72
N PRO B 251 -13.34 -12.18 6.78
CA PRO B 251 -12.98 -12.46 5.38
C PRO B 251 -11.50 -12.76 5.19
N GLN B 252 -10.67 -11.99 5.89
CA GLN B 252 -9.23 -12.16 5.80
C GLN B 252 -8.75 -13.38 6.60
N THR B 253 -9.29 -13.56 7.80
CA THR B 253 -8.89 -14.68 8.65
C THR B 253 -9.29 -16.05 8.10
N ARG B 254 -10.37 -16.10 7.32
CA ARG B 254 -10.80 -17.37 6.73
C ARG B 254 -9.69 -17.92 5.83
N ILE B 255 -8.93 -17.00 5.24
CA ILE B 255 -7.86 -17.34 4.32
C ILE B 255 -6.47 -17.46 4.95
N GLU B 256 -6.18 -16.59 5.91
CA GLU B 256 -4.85 -16.56 6.53
C GLU B 256 -4.72 -17.16 7.93
N GLY B 257 -5.84 -17.29 8.64
CA GLY B 257 -5.78 -17.80 9.99
C GLY B 257 -5.77 -19.29 10.19
N GLU B 258 -5.75 -19.71 11.45
CA GLU B 258 -5.75 -21.13 11.78
C GLU B 258 -7.00 -21.79 11.20
N ILE B 259 -8.10 -21.05 11.10
CA ILE B 259 -9.33 -21.61 10.57
C ILE B 259 -9.27 -21.94 9.08
N GLN B 260 -8.14 -21.63 8.44
CA GLN B 260 -8.00 -21.94 7.02
C GLN B 260 -7.97 -23.45 6.86
N GLN B 261 -7.74 -24.16 7.97
CA GLN B 261 -7.67 -25.61 7.97
C GLN B 261 -9.03 -26.27 8.14
N LEU B 262 -10.06 -25.46 8.35
CA LEU B 262 -11.41 -25.99 8.55
C LEU B 262 -12.37 -25.61 7.43
N PRO B 263 -13.53 -26.29 7.37
CA PRO B 263 -14.53 -25.98 6.34
C PRO B 263 -14.91 -24.51 6.38
N ALA B 264 -15.20 -23.95 5.22
CA ALA B 264 -15.57 -22.55 5.11
C ALA B 264 -16.75 -22.17 6.01
N ASP B 265 -17.51 -23.16 6.44
CA ASP B 265 -18.67 -22.89 7.28
C ASP B 265 -18.43 -23.09 8.77
N PHE B 266 -17.17 -23.31 9.16
CA PHE B 266 -16.85 -23.48 10.57
C PHE B 266 -17.19 -22.16 11.26
N PRO B 267 -18.05 -22.22 12.29
CA PRO B 267 -18.45 -21.01 13.03
C PRO B 267 -17.37 -20.31 13.84
N VAL B 268 -17.26 -19.00 13.67
CA VAL B 268 -16.31 -18.20 14.42
C VAL B 268 -17.07 -16.99 14.93
N VAL B 269 -16.50 -16.30 15.91
CA VAL B 269 -17.15 -15.13 16.50
C VAL B 269 -16.31 -13.88 16.25
N ASP B 270 -16.97 -12.79 15.84
CA ASP B 270 -16.27 -11.54 15.58
C ASP B 270 -15.95 -10.85 16.90
N LEU B 271 -14.67 -10.59 17.13
CA LEU B 271 -14.25 -9.96 18.38
C LEU B 271 -14.93 -8.63 18.65
N TRP B 272 -15.13 -7.81 17.62
CA TRP B 272 -15.75 -6.51 17.84
C TRP B 272 -17.16 -6.64 18.43
N ARG B 273 -17.87 -7.69 18.06
CA ARG B 273 -19.23 -7.89 18.58
C ARG B 273 -19.17 -8.22 20.07
N VAL B 274 -18.13 -8.94 20.48
CA VAL B 274 -17.96 -9.30 21.88
C VAL B 274 -17.66 -8.06 22.70
N LEU B 275 -16.78 -7.21 22.17
CA LEU B 275 -16.38 -5.98 22.86
C LEU B 275 -17.55 -5.02 23.06
N ARG B 276 -18.54 -5.09 22.19
CA ARG B 276 -19.72 -4.23 22.29
C ARG B 276 -20.76 -4.90 23.17
N GLY B 277 -20.46 -6.11 23.63
CA GLY B 277 -21.38 -6.84 24.49
C GLY B 277 -22.65 -7.28 23.78
N GLU B 278 -22.55 -7.47 22.47
CA GLU B 278 -23.70 -7.87 21.67
C GLU B 278 -23.68 -9.37 21.36
N THR B 279 -22.53 -10.00 21.55
CA THR B 279 -22.39 -11.42 21.32
C THR B 279 -21.57 -12.00 22.47
N GLU B 280 -21.86 -13.25 22.83
CA GLU B 280 -21.15 -13.90 23.91
C GLU B 280 -19.68 -14.13 23.59
N GLY B 281 -18.82 -13.94 24.59
CA GLY B 281 -17.41 -14.20 24.43
C GLY B 281 -17.22 -15.57 25.07
N ARG B 282 -16.53 -15.61 26.21
CA ARG B 282 -16.33 -16.87 26.94
C ARG B 282 -17.68 -17.24 27.54
N GLN B 283 -18.11 -18.47 27.31
CA GLN B 283 -19.41 -18.93 27.82
C GLN B 283 -19.39 -19.74 29.11
N SER B 284 -18.20 -20.19 29.53
CA SER B 284 -18.06 -20.96 30.76
C SER B 284 -16.60 -21.01 31.19
N ASP B 285 -16.36 -21.45 32.42
CA ASP B 285 -15.00 -21.53 32.94
C ASP B 285 -14.21 -22.72 32.38
N SER B 286 -14.92 -23.74 31.89
CA SER B 286 -14.25 -24.91 31.35
C SER B 286 -13.97 -24.79 29.86
N GLN B 287 -14.62 -23.83 29.22
CA GLN B 287 -14.45 -23.62 27.79
C GLN B 287 -13.02 -23.23 27.40
N VAL B 288 -12.63 -23.61 26.19
CA VAL B 288 -11.32 -23.24 25.67
C VAL B 288 -11.62 -22.17 24.63
N THR B 289 -10.97 -21.01 24.77
CA THR B 289 -11.20 -19.93 23.83
C THR B 289 -9.94 -19.73 23.01
N VAL B 290 -10.12 -19.43 21.72
CA VAL B 290 -8.99 -19.21 20.83
C VAL B 290 -9.11 -17.90 20.10
N PHE B 291 -8.07 -17.08 20.18
CA PHE B 291 -8.05 -15.84 19.43
C PHE B 291 -7.16 -16.18 18.23
N ASP B 292 -7.80 -16.37 17.08
CA ASP B 292 -7.11 -16.72 15.83
C ASP B 292 -6.66 -15.40 15.23
N SER B 293 -5.50 -14.93 15.70
CA SER B 293 -4.94 -13.65 15.29
C SER B 293 -4.01 -13.65 14.08
N VAL B 294 -4.28 -12.81 13.10
CA VAL B 294 -3.42 -12.74 11.93
C VAL B 294 -2.94 -11.33 11.67
N GLY B 295 -3.54 -10.38 12.37
CA GLY B 295 -3.20 -8.98 12.16
C GLY B 295 -4.20 -8.37 11.21
N PHE B 296 -4.65 -7.14 11.51
CA PHE B 296 -5.63 -6.47 10.67
C PHE B 296 -5.35 -4.97 10.63
N ALA B 297 -5.51 -4.38 9.45
CA ALA B 297 -5.25 -2.96 9.23
C ALA B 297 -5.79 -1.99 10.26
N LEU B 298 -6.97 -2.26 10.82
CA LEU B 298 -7.52 -1.35 11.82
C LEU B 298 -6.56 -1.17 12.99
N GLU B 299 -5.85 -2.23 13.35
CA GLU B 299 -4.89 -2.18 14.45
C GLU B 299 -3.74 -1.23 14.13
N ASP B 300 -3.36 -1.19 12.87
CA ASP B 300 -2.27 -0.33 12.44
C ASP B 300 -2.75 1.11 12.35
N TYR B 301 -4.03 1.28 12.00
CA TYR B 301 -4.65 2.58 11.95
C TYR B 301 -4.58 3.17 13.37
N THR B 302 -4.98 2.36 14.35
CA THR B 302 -4.96 2.80 15.74
C THR B 302 -3.59 3.20 16.23
N VAL B 303 -2.57 2.37 15.98
CA VAL B 303 -1.24 2.70 16.45
C VAL B 303 -0.67 3.93 15.72
N LEU B 304 -1.02 4.09 14.45
CA LEU B 304 -0.56 5.25 13.70
C LEU B 304 -1.16 6.53 14.29
N ARG B 305 -2.45 6.49 14.60
CA ARG B 305 -3.11 7.66 15.20
C ARG B 305 -2.52 7.96 16.58
N TYR B 306 -2.25 6.90 17.33
CA TYR B 306 -1.69 7.02 18.68
C TYR B 306 -0.29 7.64 18.59
N VAL B 307 0.53 7.11 17.70
CA VAL B 307 1.88 7.61 17.53
C VAL B 307 1.89 9.07 17.10
N LEU B 308 1.02 9.44 16.15
CA LEU B 308 0.95 10.83 15.70
C LEU B 308 0.63 11.76 16.86
N GLN B 309 -0.40 11.41 17.64
CA GLN B 309 -0.81 12.23 18.78
C GLN B 309 0.29 12.37 19.83
N GLN B 310 0.91 11.24 20.15
CA GLN B 310 1.96 11.25 21.17
C GLN B 310 3.23 11.96 20.71
N ALA B 311 3.54 11.86 19.42
CA ALA B 311 4.72 12.50 18.90
C ALA B 311 4.50 14.02 18.86
N GLU B 312 3.30 14.42 18.47
CA GLU B 312 2.94 15.84 18.41
C GLU B 312 3.09 16.51 19.78
N LYS B 313 2.58 15.85 20.81
CA LYS B 313 2.66 16.37 22.17
C LYS B 313 4.09 16.55 22.63
N ARG B 314 4.99 15.73 22.09
CA ARG B 314 6.40 15.77 22.47
C ARG B 314 7.28 16.50 21.45
N GLY B 315 6.67 17.02 20.40
CA GLY B 315 7.41 17.74 19.38
C GLY B 315 8.45 16.86 18.68
N MSE B 316 8.11 15.59 18.50
CA MSE B 316 9.01 14.64 17.86
C MSE B 316 8.64 14.37 16.41
O MSE B 316 7.47 14.40 16.05
CB MSE B 316 9.02 13.32 18.64
CG MSE B 316 9.52 13.46 20.06
SE MSE B 316 9.35 11.81 21.03
CE MSE B 316 10.91 10.92 20.33
N GLY B 317 9.65 14.11 15.59
CA GLY B 317 9.42 13.84 14.19
C GLY B 317 10.05 14.92 13.34
N THR B 318 10.30 14.62 12.07
CA THR B 318 10.92 15.59 11.17
C THR B 318 10.10 15.74 9.90
N LYS B 319 10.07 16.95 9.35
CA LYS B 319 9.31 17.19 8.12
C LYS B 319 10.06 16.67 6.91
N ILE B 320 9.33 16.08 5.97
CA ILE B 320 9.94 15.58 4.74
C ILE B 320 9.09 16.02 3.55
N ASP B 321 9.74 16.22 2.42
CA ASP B 321 9.04 16.63 1.21
C ASP B 321 8.68 15.39 0.40
N LEU B 322 7.66 14.69 0.85
CA LEU B 322 7.20 13.47 0.19
C LEU B 322 6.34 13.77 -1.03
N VAL B 323 5.45 14.74 -0.89
CA VAL B 323 4.56 15.16 -1.99
C VAL B 323 4.45 16.68 -1.92
N PRO B 324 3.95 17.31 -3.00
CA PRO B 324 3.81 18.76 -2.97
C PRO B 324 2.82 19.20 -1.91
N TRP B 325 3.06 20.39 -1.35
CA TRP B 325 2.19 20.97 -0.34
C TRP B 325 1.33 21.98 -1.11
N VAL B 326 0.94 23.06 -0.45
CA VAL B 326 0.14 24.10 -1.09
C VAL B 326 1.05 24.93 -2.00
N GLU B 327 0.59 25.23 -3.21
CA GLU B 327 1.37 26.02 -4.15
C GLU B 327 0.50 27.07 -4.84
N ASP B 328 1.12 28.13 -5.33
CA ASP B 328 0.39 29.19 -6.02
C ASP B 328 -0.44 28.63 -7.18
N ASP B 329 0.16 27.74 -7.96
CA ASP B 329 -0.55 27.11 -9.07
C ASP B 329 -0.37 25.60 -8.98
N PRO B 330 -1.33 24.91 -8.34
CA PRO B 330 -1.28 23.46 -8.18
C PRO B 330 -1.40 22.68 -9.49
N LYS B 331 -1.67 23.40 -10.57
CA LYS B 331 -1.81 22.76 -11.88
C LYS B 331 -0.51 22.85 -12.68
N ASP B 332 0.48 23.50 -12.10
CA ASP B 332 1.77 23.65 -12.76
C ASP B 332 2.79 22.71 -12.17
N LEU B 333 2.64 21.42 -12.46
CA LEU B 333 3.57 20.41 -11.96
C LEU B 333 4.86 20.50 -12.74
N PHE B 334 4.75 20.94 -14.00
CA PHE B 334 5.91 21.08 -14.87
C PHE B 334 6.97 22.01 -14.28
N SER B 335 6.55 22.96 -13.45
CA SER B 335 7.49 23.90 -12.85
C SER B 335 8.56 23.17 -12.04
N HIS B 336 8.23 21.98 -11.54
CA HIS B 336 9.18 21.19 -10.76
C HIS B 336 10.23 20.48 -11.60
N THR B 337 10.15 20.62 -12.93
CA THR B 337 11.13 19.96 -13.80
C THR B 337 12.30 20.88 -14.13
N ARG B 338 12.27 22.10 -13.61
CA ARG B 338 13.34 23.05 -13.88
C ARG B 338 14.41 23.01 -12.78
N GLY B 339 14.27 22.07 -11.85
CA GLY B 339 15.23 21.95 -10.77
C GLY B 339 14.74 22.61 -9.49
N ARG B 340 15.28 22.18 -8.35
CA ARG B 340 14.86 22.75 -7.08
C ARG B 340 15.27 24.22 -6.97
NA NA C . -8.88 7.18 -18.77
PA NAD D . -5.45 18.75 -12.70
O1A NAD D . -4.14 19.39 -12.45
O2A NAD D . -6.58 18.97 -11.74
O5B NAD D . -5.89 19.15 -14.16
C5B NAD D . -7.15 18.72 -14.73
C4B NAD D . -7.68 19.85 -15.59
O4B NAD D . -8.91 19.47 -16.17
C3B NAD D . -7.98 21.20 -14.83
O3B NAD D . -7.09 22.26 -15.30
C2B NAD D . -9.45 21.48 -15.08
O2B NAD D . -9.87 22.80 -15.14
C1B NAD D . -9.66 20.66 -16.36
N9A NAD D . -11.05 20.26 -16.53
C8A NAD D . -12.02 19.76 -15.66
N7A NAD D . -13.18 19.52 -16.25
C5A NAD D . -13.04 19.85 -17.54
C6A NAD D . -13.95 19.82 -18.69
N6A NAD D . -15.20 19.40 -18.59
N1A NAD D . -13.40 20.26 -19.89
C2A NAD D . -12.15 20.71 -20.05
N3A NAD D . -11.23 20.76 -18.99
C4A NAD D . -11.72 20.32 -17.75
O3 NAD D . -5.25 17.18 -12.78
PN NAD D . -4.11 16.25 -13.49
O1N NAD D . -3.07 15.94 -12.50
O2N NAD D . -3.73 16.96 -14.75
O5D NAD D . -4.94 14.90 -13.77
C5D NAD D . -6.04 14.90 -14.73
C4D NAD D . -6.75 13.60 -14.65
O4D NAD D . -5.78 12.48 -14.93
C3D NAD D . -7.34 13.29 -13.24
O3D NAD D . -8.73 12.96 -13.31
C2D NAD D . -6.52 12.09 -12.73
O2D NAD D . -7.22 11.25 -11.86
C1D NAD D . -6.08 11.37 -14.06
N1N NAD D . -4.89 10.49 -13.80
C2N NAD D . -4.80 9.32 -14.66
C3N NAD D . -3.64 8.68 -14.89
C7N NAD D . -3.57 7.45 -15.77
O7N NAD D . -2.58 6.70 -15.67
N7N NAD D . -4.58 7.19 -16.63
C4N NAD D . -2.34 9.18 -14.26
C5N NAD D . -2.42 10.68 -14.11
C6N NAD D . -3.63 11.18 -13.57
N ORN E . -4.99 6.82 -11.91
N ORN E . -4.98 6.74 -11.99
CA ORN E . -3.87 7.45 -11.18
CA ORN E . -3.91 7.37 -11.21
CB ORN E . -4.24 7.51 -9.69
CB ORN E . -4.36 7.44 -9.73
CG ORN E . -5.48 8.36 -9.38
CG ORN E . -5.42 8.52 -9.44
CD ORN E . -6.15 8.11 -8.04
CD ORN E . -5.01 9.96 -9.68
NE ORN E . -7.31 8.98 -7.87
NE ORN E . -6.11 10.88 -9.38
C ORN E . -2.57 6.58 -11.36
C ORN E . -2.58 6.53 -11.32
O ORN E . -2.63 5.54 -12.06
O ORN E . -2.60 5.49 -12.04
OXT ORN E . -1.51 6.97 -10.79
OXT ORN E . -1.55 6.93 -10.71
N ORN F . 0.53 -10.53 10.07
N ORN F . 0.63 -10.52 10.08
CA ORN F . 1.53 -9.45 10.15
CA ORN F . 1.61 -9.42 10.21
CB ORN F . 2.24 -9.34 8.79
CB ORN F . 2.36 -9.26 8.88
CG ORN F . 3.34 -10.39 8.56
CG ORN F . 3.08 -10.51 8.39
CD ORN F . 4.56 -10.29 9.47
CD ORN F . 3.51 -10.53 6.93
NE ORN F . 5.54 -11.34 9.16
NE ORN F . 4.18 -11.79 6.60
C ORN F . 0.81 -8.10 10.52
C ORN F . 0.84 -8.07 10.57
O ORN F . -0.42 -8.11 10.69
O ORN F . -0.40 -8.12 10.68
OXT ORN F . 1.53 -7.06 10.64
OXT ORN F . 1.52 -7.02 10.73
C1 MPD G . 3.84 -16.60 -10.78
C2 MPD G . 4.15 -15.39 -11.64
O2 MPD G . 4.73 -15.92 -12.85
CM MPD G . 2.91 -14.63 -11.98
C3 MPD G . 5.20 -14.39 -11.07
C4 MPD G . 5.35 -14.22 -9.56
O4 MPD G . 5.79 -15.40 -8.95
C5 MPD G . 6.41 -13.16 -9.10
C1 MPD H . 8.58 -15.22 -16.32
C2 MPD H . 8.33 -15.37 -17.81
O2 MPD H . 8.03 -14.05 -18.31
CM MPD H . 9.54 -15.90 -18.48
C3 MPD H . 7.12 -16.28 -18.22
C4 MPD H . 6.59 -17.33 -17.24
O4 MPD H . 6.07 -16.73 -16.07
C5 MPD H . 5.39 -18.20 -17.76
C1 MPD I . 17.70 -3.43 -5.16
C2 MPD I . 16.31 -3.56 -5.74
O2 MPD I . 15.36 -3.09 -4.73
CM MPD I . 16.17 -2.72 -6.98
C3 MPD I . 15.94 -5.04 -6.13
C4 MPD I . 16.81 -6.17 -5.51
O4 MPD I . 16.65 -6.16 -4.12
C5 MPD I . 16.49 -7.67 -5.92
C1 MPD J . 24.03 7.13 -2.31
C2 MPD J . 23.96 5.90 -3.19
O2 MPD J . 24.45 6.30 -4.49
CM MPD J . 24.80 4.80 -2.65
C3 MPD J . 22.52 5.35 -3.40
C4 MPD J . 21.46 6.34 -3.86
O4 MPD J . 21.79 6.90 -5.11
C5 MPD J . 20.02 5.74 -4.07
NA NA K . -2.19 -16.64 14.26
PA NAD L . 11.10 -14.05 14.96
O1A NAD L . 11.86 -12.93 15.57
O2A NAD L . 11.65 -14.76 13.76
O5B NAD L . 10.83 -15.08 16.12
C5B NAD L . 10.07 -16.32 15.90
C4B NAD L . 10.68 -17.40 16.77
O4B NAD L . 9.99 -18.62 16.59
C3B NAD L . 12.20 -17.73 16.50
O3B NAD L . 13.02 -17.35 17.65
C2B NAD L . 12.23 -19.22 16.19
O2B NAD L . 13.36 -19.94 16.58
C1B NAD L . 10.91 -19.65 16.84
N9A NAD L . 10.37 -20.85 16.23
C8A NAD L . 10.20 -21.25 14.90
N7A NAD L . 9.64 -22.45 14.78
C5A NAD L . 9.42 -22.90 16.03
C6A NAD L . 8.85 -24.15 16.56
N6A NAD L . 8.40 -25.11 15.77
N1A NAD L . 8.80 -24.23 17.93
C2A NAD L . 9.23 -23.28 18.79
N3A NAD L . 9.79 -22.08 18.34
C4A NAD L . 9.87 -21.93 16.95
O3 NAD L . 9.64 -13.53 14.54
PN NAD L . 8.58 -12.52 15.28
O1N NAD L . 8.80 -11.15 14.77
O2N NAD L . 8.70 -12.79 16.74
O5D NAD L . 7.19 -13.04 14.67
C5D NAD L . 6.70 -14.37 15.02
C4D NAD L . 5.53 -14.69 14.19
O4D NAD L . 4.47 -13.66 14.40
C3D NAD L . 5.83 -14.68 12.64
O3D NAD L . 5.37 -15.88 12.00
C2D NAD L . 5.05 -13.45 12.12
O2D NAD L . 4.65 -13.55 10.79
C1D NAD L . 3.85 -13.35 13.13
N1N NAD L . 3.24 -11.99 13.09
C2N NAD L . 1.82 -11.95 13.39
C3N NAD L . 1.20 -10.83 13.83
C7N NAD L . -0.29 -10.80 14.11
O7N NAD L . -0.86 -9.70 14.18
N7N NAD L . -0.95 -11.95 14.29
C4N NAD L . 2.00 -9.54 14.03
C5N NAD L . 3.39 -9.90 14.47
C6N NAD L . 4.03 -10.91 13.70
O1 MES M . 12.36 -1.82 35.16
C2 MES M . 11.45 -1.48 34.12
C3 MES M . 12.15 -1.31 32.73
N4 MES M . 13.19 -0.18 32.92
C5 MES M . 14.10 -0.52 34.11
C6 MES M . 13.36 -0.87 35.40
C7 MES M . 14.06 -0.18 31.64
C8 MES M . 15.15 0.94 31.71
S MES M . 16.18 0.90 30.19
O1S MES M . 16.69 -0.50 30.36
O2S MES M . 17.17 2.08 30.47
O3S MES M . 15.21 1.41 29.37
C1 MPD N . 7.03 18.71 14.89
C2 MPD N . 5.54 18.79 15.12
O2 MPD N . 5.35 18.72 16.54
CM MPD N . 4.98 20.08 14.60
C3 MPD N . 4.74 17.63 14.50
C4 MPD N . 5.24 16.21 14.78
O4 MPD N . 5.21 15.93 16.16
C5 MPD N . 4.40 15.04 14.14
C1 MPD O . -4.85 12.67 9.06
C2 MPD O . -5.06 13.63 10.22
O2 MPD O . -4.31 13.09 11.32
CM MPD O . -4.55 15.00 9.90
C3 MPD O . -6.54 13.71 10.69
C4 MPD O . -7.55 14.46 9.82
O4 MPD O . -7.68 13.87 8.55
C5 MPD O . -9.02 14.51 10.37
#